data_4RQU
#
_entry.id   4RQU
#
_cell.length_a   101.150
_cell.length_b   101.150
_cell.length_c   165.640
_cell.angle_alpha   90.00
_cell.angle_beta   90.00
_cell.angle_gamma   120.00
#
_symmetry.space_group_name_H-M   'P 31 2 1'
#
loop_
_entity.id
_entity.type
_entity.pdbx_description
1 polymer 'Alcohol Dehydrogenase'
2 non-polymer 'ZINC ION'
3 non-polymer NICOTINAMIDE-ADENINE-DINUCLEOTIDE
4 water water
#
_entity_poly.entity_id   1
_entity_poly.type   'polypeptide(L)'
_entity_poly.pdbx_seq_one_letter_code
;SQIIRCKAAVAWEAGKPLVIEEVEVAPPQKHEVRIKILFTSLCHTDVYFWEAKGQTPLFPRIFGHEAGGIVESVGEGVTD
LQPGDHVLPIFTGECGECRHCHSEESNMCDLLRINTERGGMIHDGESRFSINGKPIYHFLGTSTFSEYTVVHSGQVAKIN
PDAPLDKVCIVSCGLSTGLGATLNVAKPKKGQSVAIFGLGAVGLGAAEGARIAGASRIIGVDFNSKRFDQAKEFGVTECV
NPKDHDKPIQQVIAEMTDGGVDRSVECTGSVQAMIQAFECVHDGWGVAVLVGVPSKDDAFKTHPMNFLNERTLKGTFFGN
YKPKTDIPGVVEKYMNKELELEKFITHTVPFSEINKAFDYMLKGESIRCIITMGA
;
_entity_poly.pdbx_strand_id   A,B
#
# COMPACT_ATOMS: atom_id res chain seq x y z
N SER A 1 39.03 -29.38 -0.52
CA SER A 1 39.03 -28.49 -1.68
C SER A 1 40.13 -27.48 -1.55
N GLN A 2 40.69 -27.13 -2.70
CA GLN A 2 41.94 -26.39 -2.75
C GLN A 2 41.68 -25.18 -3.64
N ILE A 3 42.72 -24.54 -4.14
CA ILE A 3 42.58 -23.33 -4.92
C ILE A 3 42.56 -23.50 -6.40
N ILE A 4 41.65 -22.79 -7.05
CA ILE A 4 41.42 -22.77 -8.50
C ILE A 4 41.90 -21.51 -9.23
N ARG A 5 42.59 -21.68 -10.37
CA ARG A 5 42.97 -20.61 -11.30
C ARG A 5 42.14 -20.62 -12.58
N CYS A 6 41.51 -19.51 -12.90
CA CYS A 6 40.61 -19.41 -14.02
C CYS A 6 40.56 -18.02 -14.67
N LYS A 7 39.72 -17.79 -15.69
CA LYS A 7 39.71 -16.46 -16.29
C LYS A 7 38.69 -15.63 -15.63
N ALA A 8 39.02 -14.37 -15.44
CA ALA A 8 38.02 -13.47 -14.97
C ALA A 8 38.17 -12.12 -15.63
N ALA A 9 37.05 -11.44 -15.83
CA ALA A 9 37.08 -10.09 -16.37
C ALA A 9 37.08 -9.14 -15.18
N VAL A 10 38.23 -8.56 -14.87
CA VAL A 10 38.43 -7.73 -13.70
C VAL A 10 38.30 -6.28 -14.04
N ALA A 11 37.55 -5.58 -13.18
CA ALA A 11 37.45 -4.13 -13.20
C ALA A 11 38.45 -3.44 -12.23
N TRP A 12 39.42 -2.73 -12.79
CA TRP A 12 40.46 -2.06 -12.00
C TRP A 12 40.06 -0.63 -11.66
N GLU A 13 39.16 -0.08 -12.46
CA GLU A 13 38.78 1.34 -12.41
C GLU A 13 37.42 1.59 -13.08
N ALA A 14 36.68 2.49 -12.46
CA ALA A 14 35.34 2.87 -12.83
C ALA A 14 35.17 3.28 -14.28
N GLY A 15 34.07 2.83 -14.88
CA GLY A 15 33.66 3.27 -16.19
C GLY A 15 34.61 2.92 -17.30
N LYS A 16 35.64 2.16 -16.95
CA LYS A 16 36.69 1.64 -17.84
C LYS A 16 36.47 0.24 -18.32
N PRO A 17 37.03 -0.12 -19.49
CA PRO A 17 36.83 -1.46 -20.02
C PRO A 17 37.33 -2.52 -19.10
N LEU A 18 36.52 -3.57 -18.98
CA LEU A 18 36.90 -4.70 -18.16
C LEU A 18 38.07 -5.36 -18.82
N VAL A 19 38.92 -6.00 -18.04
CA VAL A 19 40.09 -6.71 -18.57
C VAL A 19 40.09 -8.21 -18.20
N ILE A 20 40.20 -9.12 -19.14
CA ILE A 20 40.30 -10.55 -18.78
C ILE A 20 41.65 -10.94 -18.12
N GLU A 21 41.61 -11.42 -16.87
CA GLU A 21 42.79 -11.84 -16.08
C GLU A 21 42.74 -13.31 -15.60
N GLU A 22 43.89 -13.88 -15.30
CA GLU A 22 43.96 -15.15 -14.55
C GLU A 22 43.87 -14.85 -13.03
N VAL A 23 42.86 -15.36 -12.33
CA VAL A 23 42.68 -15.09 -10.88
C VAL A 23 42.65 -16.40 -10.11
N GLU A 24 42.80 -16.34 -8.79
CA GLU A 24 42.73 -17.51 -7.93
C GLU A 24 41.52 -17.51 -7.09
N VAL A 25 40.83 -18.64 -7.04
CA VAL A 25 39.56 -18.74 -6.33
C VAL A 25 39.74 -19.73 -5.17
N ALA A 26 39.70 -19.19 -3.97
CA ALA A 26 39.93 -19.98 -2.79
C ALA A 26 38.78 -20.96 -2.61
N PRO A 27 38.99 -21.99 -1.82
CA PRO A 27 37.87 -22.90 -1.61
C PRO A 27 36.79 -22.31 -0.73
N PRO A 28 35.56 -22.80 -0.85
CA PRO A 28 34.44 -22.27 -0.06
C PRO A 28 34.55 -22.68 1.37
N GLN A 29 34.27 -21.75 2.28
CA GLN A 29 34.31 -22.00 3.71
C GLN A 29 32.90 -22.33 4.18
N LYS A 30 32.68 -22.36 5.49
CA LYS A 30 31.36 -22.71 5.99
C LYS A 30 30.23 -21.95 5.33
N HIS A 31 29.23 -22.74 4.93
CA HIS A 31 27.96 -22.32 4.33
C HIS A 31 28.10 -21.70 2.96
N GLU A 32 29.30 -21.87 2.40
CA GLU A 32 29.61 -21.40 1.07
C GLU A 32 29.63 -22.52 0.01
N VAL A 33 29.41 -22.13 -1.23
CA VAL A 33 29.54 -23.01 -2.40
C VAL A 33 30.41 -22.42 -3.55
N ARG A 34 31.14 -23.29 -4.25
CA ARG A 34 31.99 -22.88 -5.38
C ARG A 34 31.31 -23.37 -6.63
N ILE A 35 31.10 -22.48 -7.55
CA ILE A 35 30.25 -22.74 -8.71
C ILE A 35 30.99 -22.57 -10.02
N LYS A 36 30.81 -23.51 -10.92
CA LYS A 36 31.32 -23.30 -12.23
C LYS A 36 30.29 -22.58 -13.02
N ILE A 37 30.66 -21.39 -13.46
CA ILE A 37 29.78 -20.52 -14.19
C ILE A 37 29.76 -20.86 -15.67
N LEU A 38 28.57 -21.05 -16.22
CA LEU A 38 28.42 -21.37 -17.63
C LEU A 38 27.93 -20.18 -18.48
N PHE A 39 26.99 -19.42 -17.96
CA PHE A 39 26.43 -18.28 -18.66
C PHE A 39 26.12 -17.12 -17.76
N THR A 40 26.35 -15.89 -18.20
CA THR A 40 26.03 -14.70 -17.40
C THR A 40 25.56 -13.61 -18.35
N SER A 41 24.86 -12.60 -17.85
CA SER A 41 24.42 -11.49 -18.71
C SER A 41 24.72 -10.27 -17.92
N LEU A 42 24.52 -9.13 -18.53
CA LEU A 42 24.89 -7.90 -17.88
C LEU A 42 23.58 -7.35 -17.35
N CYS A 43 23.67 -6.33 -16.52
CA CYS A 43 22.48 -5.70 -15.96
C CYS A 43 22.76 -4.26 -15.63
N HIS A 44 21.74 -3.39 -15.71
CA HIS A 44 21.97 -1.96 -15.45
C HIS A 44 22.62 -1.77 -14.07
N THR A 45 22.31 -2.67 -13.14
CA THR A 45 22.83 -2.58 -11.79
C THR A 45 24.34 -2.83 -11.84
N ASP A 46 24.80 -3.74 -12.67
CA ASP A 46 26.24 -3.87 -12.88
C ASP A 46 26.89 -2.58 -13.38
N VAL A 47 26.28 -1.94 -14.37
CA VAL A 47 26.90 -0.78 -14.99
C VAL A 47 27.03 0.36 -13.96
N TYR A 48 25.98 0.57 -13.17
CA TYR A 48 25.92 1.64 -12.16
C TYR A 48 27.02 1.60 -11.12
N PHE A 49 27.24 0.43 -10.57
CA PHE A 49 28.27 0.25 -9.56
C PHE A 49 29.61 0.14 -10.26
N TRP A 50 29.59 -0.28 -11.51
CA TRP A 50 30.79 -0.30 -12.30
C TRP A 50 31.27 1.07 -12.66
N GLU A 51 30.33 1.96 -12.94
CA GLU A 51 30.60 3.38 -13.22
C GLU A 51 30.95 4.22 -12.02
N ALA A 52 30.75 3.67 -10.85
CA ALA A 52 30.96 4.38 -9.60
C ALA A 52 30.07 5.58 -9.64
N LYS A 53 28.86 5.31 -10.13
CA LYS A 53 27.90 6.36 -10.33
C LYS A 53 27.77 7.04 -9.01
N GLY A 54 27.25 6.32 -8.01
CA GLY A 54 26.99 6.86 -6.68
C GLY A 54 27.67 6.54 -5.36
N GLN A 55 27.70 5.25 -5.02
CA GLN A 55 27.98 4.82 -3.64
C GLN A 55 29.34 5.09 -2.85
N THR A 56 30.28 4.18 -3.05
CA THR A 56 31.67 4.15 -2.62
C THR A 56 32.42 3.39 -3.69
N PRO A 57 33.35 4.07 -4.36
CA PRO A 57 33.92 3.23 -5.39
C PRO A 57 34.73 2.08 -4.80
N LEU A 58 34.50 0.88 -5.32
CA LEU A 58 35.24 -0.27 -4.87
C LEU A 58 35.73 -1.06 -6.04
N PHE A 59 37.05 -1.03 -6.07
CA PHE A 59 37.88 -1.67 -7.03
C PHE A 59 39.18 -2.17 -6.39
N PRO A 60 39.78 -3.20 -6.95
CA PRO A 60 39.30 -3.92 -8.12
C PRO A 60 38.12 -4.77 -7.74
N ARG A 61 37.31 -5.09 -8.73
CA ARG A 61 36.07 -5.77 -8.47
C ARG A 61 35.65 -6.60 -9.60
N ILE A 62 35.02 -7.69 -9.20
CA ILE A 62 34.34 -8.61 -10.09
C ILE A 62 32.82 -8.48 -9.94
N PHE A 63 32.27 -7.96 -11.02
CA PHE A 63 30.85 -7.68 -11.14
C PHE A 63 30.19 -8.95 -11.61
N GLY A 64 28.89 -8.84 -11.88
CA GLY A 64 28.08 -9.93 -12.37
C GLY A 64 27.23 -10.56 -11.29
N HIS A 65 25.91 -10.63 -11.48
CA HIS A 65 25.03 -11.30 -10.52
C HIS A 65 23.90 -12.13 -11.18
N GLU A 66 23.86 -12.07 -12.50
CA GLU A 66 22.98 -12.92 -13.30
C GLU A 66 23.79 -13.99 -13.99
N ALA A 67 23.57 -15.22 -13.55
CA ALA A 67 24.31 -16.34 -14.06
C ALA A 67 23.66 -17.67 -13.78
N GLY A 68 24.08 -18.64 -14.56
CA GLY A 68 23.71 -20.03 -14.38
C GLY A 68 24.97 -20.82 -14.45
N GLY A 69 25.10 -21.77 -13.55
CA GLY A 69 26.29 -22.54 -13.40
C GLY A 69 26.02 -23.82 -12.66
N ILE A 70 27.11 -24.50 -12.32
CA ILE A 70 27.11 -25.82 -11.67
C ILE A 70 27.96 -25.87 -10.43
N VAL A 71 27.43 -26.47 -9.36
CA VAL A 71 28.16 -26.58 -8.09
C VAL A 71 29.36 -27.42 -8.30
N GLU A 72 30.51 -26.87 -7.89
CA GLU A 72 31.78 -27.54 -8.02
C GLU A 72 32.19 -28.19 -6.71
N SER A 73 31.90 -27.48 -5.63
CA SER A 73 32.09 -27.93 -4.25
C SER A 73 31.30 -27.06 -3.29
N VAL A 74 31.11 -27.59 -2.09
CA VAL A 74 30.35 -26.91 -1.07
C VAL A 74 31.25 -26.88 0.12
N GLY A 75 31.07 -25.87 0.96
CA GLY A 75 31.89 -25.76 2.14
C GLY A 75 31.28 -26.51 3.25
N GLU A 76 31.93 -26.52 4.40
CA GLU A 76 31.41 -27.28 5.50
C GLU A 76 30.07 -26.67 5.85
N GLY A 77 29.13 -27.50 6.26
CA GLY A 77 27.81 -27.08 6.63
C GLY A 77 26.71 -26.94 5.58
N VAL A 78 27.03 -27.11 4.30
CA VAL A 78 26.02 -27.06 3.20
C VAL A 78 25.33 -28.43 2.93
N THR A 79 24.02 -28.51 3.11
CA THR A 79 23.23 -29.75 2.96
C THR A 79 22.20 -29.72 1.86
N ASP A 80 21.82 -28.54 1.46
CA ASP A 80 20.79 -28.41 0.47
C ASP A 80 21.40 -28.39 -0.94
N LEU A 81 22.72 -28.46 -1.01
CA LEU A 81 23.47 -28.43 -2.29
C LEU A 81 24.57 -29.47 -2.36
N GLN A 82 24.86 -29.98 -3.53
CA GLN A 82 25.98 -30.88 -3.72
C GLN A 82 26.67 -30.66 -5.05
N PRO A 83 27.92 -31.13 -5.18
CA PRO A 83 28.61 -31.01 -6.48
C PRO A 83 27.80 -31.60 -7.64
N GLY A 84 27.69 -30.82 -8.72
CA GLY A 84 26.94 -31.22 -9.88
C GLY A 84 25.58 -30.57 -10.04
N ASP A 85 25.01 -30.01 -8.98
CA ASP A 85 23.70 -29.35 -9.09
C ASP A 85 23.74 -28.10 -9.95
N HIS A 86 22.72 -27.92 -10.76
CA HIS A 86 22.57 -26.69 -11.51
C HIS A 86 21.90 -25.65 -10.62
N VAL A 87 22.47 -24.47 -10.59
CA VAL A 87 22.08 -23.38 -9.72
C VAL A 87 22.10 -22.03 -10.38
N LEU A 88 21.32 -21.13 -9.80
CA LEU A 88 21.38 -19.73 -10.09
C LEU A 88 21.80 -18.96 -8.85
N PRO A 89 22.91 -18.23 -8.94
CA PRO A 89 23.24 -17.31 -7.86
C PRO A 89 22.31 -16.13 -7.95
N ILE A 90 21.87 -15.67 -6.79
CA ILE A 90 20.97 -14.56 -6.66
C ILE A 90 21.66 -13.47 -5.85
N PHE A 91 21.42 -12.21 -6.18
CA PHE A 91 22.08 -11.06 -5.53
C PHE A 91 21.65 -10.88 -4.07
N THR A 92 20.64 -11.64 -3.65
CA THR A 92 20.11 -11.61 -2.29
C THR A 92 19.66 -13.03 -1.91
N GLY A 93 19.80 -13.39 -0.63
CA GLY A 93 19.71 -14.77 -0.15
C GLY A 93 18.54 -15.03 0.77
N GLU A 94 18.45 -16.26 1.26
CA GLU A 94 17.38 -16.61 2.13
C GLU A 94 18.07 -17.53 3.13
N CYS A 95 18.45 -17.02 4.29
CA CYS A 95 19.16 -17.79 5.29
C CYS A 95 18.31 -18.86 5.93
N GLY A 96 17.01 -18.61 5.98
CA GLY A 96 16.05 -19.61 6.44
C GLY A 96 15.86 -19.67 7.91
N GLU A 97 16.58 -18.84 8.61
CA GLU A 97 16.52 -18.92 10.04
C GLU A 97 16.51 -17.54 10.68
N CYS A 98 16.33 -16.51 9.88
CA CYS A 98 16.17 -15.17 10.41
C CYS A 98 14.71 -14.85 10.50
N ARG A 99 14.41 -13.68 11.04
CA ARG A 99 13.03 -13.28 11.20
C ARG A 99 12.30 -13.12 9.85
N HIS A 100 12.96 -12.58 8.83
CA HIS A 100 12.35 -12.36 7.52
C HIS A 100 12.08 -13.56 6.71
N CYS A 101 13.03 -14.46 6.81
CA CYS A 101 12.87 -15.69 6.15
C CYS A 101 11.70 -16.48 6.75
N HIS A 102 11.45 -16.37 8.05
CA HIS A 102 10.35 -17.16 8.59
C HIS A 102 8.96 -16.68 8.21
N SER A 103 8.84 -15.41 7.89
CA SER A 103 7.59 -14.80 7.53
C SER A 103 7.11 -15.21 6.15
N GLU A 104 5.79 -15.24 6.01
CA GLU A 104 5.13 -15.62 4.76
C GLU A 104 5.16 -14.48 3.77
N GLU A 105 5.35 -13.30 4.34
CA GLU A 105 5.16 -12.05 3.67
C GLU A 105 6.44 -11.57 3.01
N SER A 106 7.59 -11.81 3.67
CA SER A 106 8.86 -11.19 3.25
C SER A 106 10.00 -12.08 2.64
N ASN A 107 10.77 -11.51 1.69
CA ASN A 107 11.96 -12.19 1.11
C ASN A 107 13.29 -11.47 1.41
N MET A 108 13.29 -10.65 2.47
CA MET A 108 14.47 -9.85 2.89
C MET A 108 15.25 -10.40 4.01
N CYS A 109 16.02 -11.42 3.77
CA CYS A 109 16.75 -12.07 4.82
C CYS A 109 17.55 -11.07 5.65
N ASP A 110 17.44 -11.22 6.97
CA ASP A 110 18.14 -10.31 7.85
C ASP A 110 19.62 -10.50 7.69
N LEU A 111 19.96 -11.66 7.18
CA LEU A 111 21.33 -12.07 7.04
C LEU A 111 21.90 -11.77 5.68
N LEU A 112 21.09 -12.00 4.68
CA LEU A 112 21.59 -12.19 3.34
C LEU A 112 21.03 -11.24 2.35
N ARG A 113 20.49 -10.13 2.85
CA ARG A 113 19.86 -9.14 2.01
C ARG A 113 20.94 -8.37 1.22
N ILE A 114 20.57 -7.86 0.06
CA ILE A 114 21.49 -7.20 -0.85
C ILE A 114 22.42 -6.20 -0.18
N ASN A 115 23.70 -6.21 -0.53
CA ASN A 115 24.66 -5.25 -0.02
C ASN A 115 25.67 -4.89 -1.10
N THR A 116 25.68 -3.64 -1.54
CA THR A 116 26.51 -3.23 -2.64
C THR A 116 27.91 -2.76 -2.15
N GLU A 117 28.11 -2.55 -0.84
CA GLU A 117 29.41 -2.09 -0.37
C GLU A 117 30.35 -3.25 -0.09
N ARG A 118 29.81 -4.39 0.27
CA ARG A 118 30.64 -5.49 0.70
C ARG A 118 31.44 -6.08 -0.39
N GLY A 119 32.74 -6.15 -0.12
CA GLY A 119 33.71 -6.70 -1.04
C GLY A 119 34.23 -8.08 -0.67
N GLY A 120 33.94 -8.57 0.52
CA GLY A 120 34.40 -9.88 0.98
C GLY A 120 33.31 -10.86 1.40
N MET A 121 33.66 -12.07 1.81
CA MET A 121 32.63 -12.99 2.22
C MET A 121 32.17 -12.72 3.66
N ILE A 122 30.94 -13.15 3.95
CA ILE A 122 30.35 -13.01 5.27
C ILE A 122 31.18 -13.67 6.39
N HIS A 123 31.55 -14.91 6.10
CA HIS A 123 32.18 -15.82 7.03
C HIS A 123 33.35 -15.21 7.71
N ASP A 124 34.19 -14.59 6.92
CA ASP A 124 35.45 -14.11 7.43
C ASP A 124 35.88 -12.72 6.93
N GLY A 125 35.05 -12.07 6.13
CA GLY A 125 35.35 -10.74 5.61
C GLY A 125 36.39 -10.78 4.54
N GLU A 126 36.82 -11.96 4.14
CA GLU A 126 37.86 -11.99 3.17
C GLU A 126 37.32 -12.26 1.84
N SER A 127 38.07 -11.85 0.83
CA SER A 127 37.76 -12.21 -0.53
C SER A 127 38.33 -13.59 -0.92
N ARG A 128 37.56 -14.35 -1.68
CA ARG A 128 38.05 -15.57 -2.27
C ARG A 128 38.82 -15.33 -3.53
N PHE A 129 38.81 -14.10 -4.02
CA PHE A 129 39.57 -13.75 -5.22
C PHE A 129 40.88 -13.03 -4.97
N SER A 130 41.89 -13.38 -5.77
CA SER A 130 43.17 -12.69 -5.74
C SER A 130 43.96 -12.72 -7.05
N ILE A 131 44.84 -11.74 -7.20
CA ILE A 131 45.81 -11.71 -8.28
C ILE A 131 47.10 -11.40 -7.61
N ASN A 132 48.07 -12.25 -7.84
CA ASN A 132 49.38 -12.14 -7.17
C ASN A 132 49.23 -11.87 -5.68
N GLY A 133 48.27 -12.48 -5.02
CA GLY A 133 48.13 -12.31 -3.58
C GLY A 133 47.42 -11.06 -3.13
N LYS A 134 46.85 -10.32 -4.08
CA LYS A 134 46.08 -9.11 -3.76
C LYS A 134 44.61 -9.37 -4.05
N PRO A 135 43.69 -8.91 -3.17
CA PRO A 135 42.25 -9.16 -3.25
C PRO A 135 41.58 -8.49 -4.44
N ILE A 136 40.70 -9.22 -5.12
CA ILE A 136 39.79 -8.61 -6.04
C ILE A 136 38.41 -8.76 -5.39
N TYR A 137 37.66 -7.69 -5.24
CA TYR A 137 36.47 -7.67 -4.39
C TYR A 137 35.22 -8.25 -5.03
N HIS A 138 34.34 -8.79 -4.20
CA HIS A 138 33.10 -9.34 -4.66
C HIS A 138 32.13 -8.28 -5.01
N PHE A 139 31.10 -8.66 -5.74
CA PHE A 139 30.01 -7.78 -6.03
C PHE A 139 28.70 -8.54 -5.80
N LEU A 140 27.88 -8.08 -4.85
CA LEU A 140 26.60 -8.72 -4.53
C LEU A 140 26.66 -10.16 -4.11
N GLY A 141 27.82 -10.59 -3.61
CA GLY A 141 28.00 -11.96 -3.17
C GLY A 141 27.89 -13.04 -4.21
N THR A 142 27.97 -12.65 -5.46
CA THR A 142 27.90 -13.57 -6.57
C THR A 142 29.13 -13.54 -7.46
N SER A 143 29.55 -12.34 -7.86
CA SER A 143 30.68 -12.19 -8.76
C SER A 143 30.76 -13.27 -9.82
N THR A 144 29.84 -13.17 -10.78
CA THR A 144 29.68 -14.19 -11.79
C THR A 144 30.46 -13.86 -13.02
N PHE A 145 31.10 -12.71 -13.07
CA PHE A 145 31.96 -12.41 -14.22
C PHE A 145 33.27 -13.06 -13.96
N SER A 146 33.22 -14.35 -13.64
CA SER A 146 34.36 -15.21 -13.34
C SER A 146 34.00 -16.64 -13.71
N GLU A 147 34.95 -17.43 -14.19
CA GLU A 147 34.67 -18.82 -14.59
C GLU A 147 34.18 -19.65 -13.40
N TYR A 148 34.68 -19.27 -12.24
CA TYR A 148 34.36 -19.77 -10.87
C TYR A 148 34.19 -18.66 -9.86
N THR A 149 33.21 -18.84 -8.99
CA THR A 149 32.94 -17.92 -7.89
C THR A 149 32.53 -18.71 -6.65
N VAL A 150 32.56 -18.05 -5.49
CA VAL A 150 32.20 -18.62 -4.21
C VAL A 150 31.03 -17.81 -3.73
N VAL A 151 29.98 -18.51 -3.30
CA VAL A 151 28.76 -17.83 -3.02
C VAL A 151 28.19 -18.51 -1.77
N HIS A 152 27.67 -17.72 -0.84
CA HIS A 152 26.99 -18.27 0.32
C HIS A 152 25.78 -19.05 -0.15
N SER A 153 25.57 -20.21 0.41
CA SER A 153 24.53 -21.10 -0.08
C SER A 153 23.17 -20.46 0.05
N GLY A 154 22.94 -19.70 1.11
CA GLY A 154 21.74 -18.90 1.20
C GLY A 154 21.54 -18.05 -0.03
N GLN A 155 22.54 -17.83 -0.87
CA GLN A 155 22.30 -17.07 -2.12
C GLN A 155 22.28 -17.91 -3.41
N VAL A 156 22.09 -19.21 -3.28
CA VAL A 156 22.11 -20.11 -4.40
C VAL A 156 20.81 -20.95 -4.59
N ALA A 157 20.10 -20.69 -5.67
CA ALA A 157 18.85 -21.38 -5.84
C ALA A 157 19.12 -22.63 -6.66
N LYS A 158 19.00 -23.78 -6.03
CA LYS A 158 19.14 -25.02 -6.80
C LYS A 158 17.94 -25.13 -7.70
N ILE A 159 18.20 -25.31 -8.99
CA ILE A 159 17.16 -25.36 -10.00
C ILE A 159 17.14 -26.61 -10.85
N ASN A 160 16.12 -26.72 -11.68
CA ASN A 160 16.00 -27.81 -12.61
C ASN A 160 17.21 -28.07 -13.55
N PRO A 161 17.79 -29.28 -13.47
CA PRO A 161 19.00 -29.56 -14.23
C PRO A 161 18.76 -29.64 -15.68
N ASP A 162 17.50 -29.69 -16.07
CA ASP A 162 17.17 -29.75 -17.47
C ASP A 162 17.06 -28.37 -18.02
N ALA A 163 16.99 -27.38 -17.15
CA ALA A 163 16.91 -26.03 -17.65
C ALA A 163 18.18 -25.54 -18.38
N PRO A 164 18.00 -24.94 -19.57
CA PRO A 164 19.14 -24.44 -20.34
C PRO A 164 19.62 -23.21 -19.64
N LEU A 165 20.83 -23.33 -19.10
CA LEU A 165 21.43 -22.32 -18.23
C LEU A 165 21.62 -21.00 -18.95
N ASP A 166 21.69 -21.09 -20.27
CA ASP A 166 21.87 -19.93 -21.14
C ASP A 166 20.59 -19.23 -21.41
N LYS A 167 19.50 -19.69 -20.80
CA LYS A 167 18.25 -18.95 -20.93
C LYS A 167 17.81 -18.40 -19.57
N VAL A 168 17.83 -19.28 -18.60
CA VAL A 168 17.30 -19.03 -17.28
C VAL A 168 18.19 -18.24 -16.34
N CYS A 169 19.41 -17.90 -16.75
CA CYS A 169 20.27 -17.05 -15.91
C CYS A 169 19.64 -15.64 -15.65
N ILE A 170 18.85 -15.12 -16.59
CA ILE A 170 18.23 -13.78 -16.40
C ILE A 170 17.10 -13.71 -15.41
N VAL A 171 16.67 -14.86 -14.98
CA VAL A 171 15.61 -14.92 -14.01
C VAL A 171 16.09 -14.47 -12.58
N SER A 172 17.39 -14.42 -12.34
CA SER A 172 17.98 -14.22 -10.98
C SER A 172 18.07 -12.78 -10.47
N CYS A 173 17.70 -11.82 -11.30
CA CYS A 173 17.56 -10.40 -10.95
C CYS A 173 16.47 -9.64 -11.62
N GLY A 174 16.79 -9.08 -12.76
CA GLY A 174 15.97 -8.07 -13.37
C GLY A 174 14.58 -8.56 -13.68
N LEU A 175 14.58 -9.65 -14.40
CA LEU A 175 13.37 -10.24 -14.85
C LEU A 175 12.37 -10.64 -13.75
N SER A 176 12.84 -11.29 -12.70
CA SER A 176 11.96 -11.77 -11.66
C SER A 176 11.42 -10.66 -10.82
N THR A 177 12.20 -9.61 -10.76
CA THR A 177 11.85 -8.44 -10.04
C THR A 177 10.60 -7.81 -10.61
N GLY A 178 10.49 -7.72 -11.92
CA GLY A 178 9.30 -7.17 -12.52
C GLY A 178 8.10 -8.08 -12.43
N LEU A 179 8.41 -9.31 -12.82
CA LEU A 179 7.45 -10.36 -12.85
C LEU A 179 6.70 -10.51 -11.54
N GLY A 180 7.49 -10.56 -10.48
CA GLY A 180 6.95 -10.77 -9.17
C GLY A 180 6.22 -9.56 -8.70
N ALA A 181 6.68 -8.40 -9.14
CA ALA A 181 6.02 -7.17 -8.80
C ALA A 181 4.58 -7.24 -9.20
N THR A 182 4.30 -7.84 -10.34
CA THR A 182 2.93 -7.95 -10.78
C THR A 182 2.19 -9.06 -10.12
N LEU A 183 2.77 -10.25 -10.21
CA LEU A 183 2.09 -11.46 -9.87
C LEU A 183 1.98 -11.63 -8.37
N ASN A 184 2.97 -11.11 -7.65
CA ASN A 184 3.02 -11.27 -6.19
C ASN A 184 2.57 -10.09 -5.40
N VAL A 185 2.63 -8.89 -5.93
CA VAL A 185 2.38 -7.75 -5.12
C VAL A 185 1.15 -7.01 -5.66
N ALA A 186 1.19 -6.61 -6.93
CA ALA A 186 0.06 -5.97 -7.62
C ALA A 186 -1.12 -6.92 -7.77
N LYS A 187 -0.88 -8.16 -8.23
CA LYS A 187 -1.97 -9.11 -8.32
C LYS A 187 -3.15 -8.53 -9.05
N PRO A 188 -2.97 -8.24 -10.35
CA PRO A 188 -4.00 -7.77 -11.26
C PRO A 188 -4.98 -8.87 -11.51
N LYS A 189 -6.29 -8.61 -11.48
CA LYS A 189 -7.22 -9.66 -11.81
C LYS A 189 -7.37 -9.82 -13.29
N LYS A 190 -7.86 -10.99 -13.65
CA LYS A 190 -8.09 -11.27 -15.04
C LYS A 190 -8.98 -10.20 -15.56
N GLY A 191 -8.61 -9.61 -16.68
CA GLY A 191 -9.43 -8.63 -17.33
C GLY A 191 -9.06 -7.23 -16.93
N GLN A 192 -8.24 -7.09 -15.89
CA GLN A 192 -7.93 -5.76 -15.39
C GLN A 192 -6.91 -5.03 -16.25
N SER A 193 -6.78 -3.73 -16.00
CA SER A 193 -5.83 -2.90 -16.71
C SER A 193 -4.65 -2.55 -15.85
N VAL A 194 -3.50 -2.43 -16.48
CA VAL A 194 -2.19 -2.13 -15.87
C VAL A 194 -1.34 -1.07 -16.55
N ALA A 195 -0.77 -0.19 -15.76
CA ALA A 195 0.18 0.79 -16.22
C ALA A 195 1.57 0.41 -15.70
N ILE A 196 2.57 0.44 -16.57
CA ILE A 196 3.93 0.09 -16.22
C ILE A 196 4.87 1.20 -16.57
N PHE A 197 5.54 1.82 -15.62
CA PHE A 197 6.49 2.89 -15.92
C PHE A 197 7.91 2.45 -16.03
N GLY A 198 8.53 2.49 -17.21
CA GLY A 198 9.90 2.04 -17.35
C GLY A 198 9.78 0.76 -18.10
N LEU A 199 10.51 0.68 -19.21
CA LEU A 199 10.43 -0.45 -20.11
C LEU A 199 11.77 -1.14 -20.23
N GLY A 200 12.56 -1.11 -19.17
CA GLY A 200 13.76 -1.91 -19.12
C GLY A 200 13.46 -3.33 -18.80
N ALA A 201 14.45 -4.07 -18.36
CA ALA A 201 14.26 -5.49 -18.13
C ALA A 201 13.20 -5.74 -17.09
N VAL A 202 13.17 -4.88 -16.09
CA VAL A 202 12.21 -4.95 -15.02
C VAL A 202 10.77 -4.68 -15.49
N GLY A 203 10.59 -3.58 -16.18
CA GLY A 203 9.30 -3.23 -16.72
C GLY A 203 8.73 -4.30 -17.58
N LEU A 204 9.57 -4.84 -18.44
CA LEU A 204 9.17 -5.84 -19.38
C LEU A 204 8.84 -7.12 -18.68
N GLY A 205 9.40 -7.36 -17.49
CA GLY A 205 8.99 -8.49 -16.66
C GLY A 205 7.61 -8.29 -16.07
N ALA A 206 7.38 -7.06 -15.64
CA ALA A 206 6.11 -6.59 -15.08
C ALA A 206 5.02 -6.61 -16.13
N ALA A 207 5.37 -6.15 -17.33
CA ALA A 207 4.46 -6.18 -18.44
C ALA A 207 4.12 -7.63 -18.75
N GLU A 208 5.14 -8.46 -18.81
CA GLU A 208 4.97 -9.87 -19.07
C GLU A 208 4.09 -10.54 -18.03
N GLY A 209 4.22 -10.13 -16.77
CA GLY A 209 3.39 -10.70 -15.72
C GLY A 209 1.93 -10.36 -15.84
N ALA A 210 1.66 -9.12 -16.21
CA ALA A 210 0.30 -8.63 -16.39
C ALA A 210 -0.34 -9.36 -17.55
N ARG A 211 0.42 -9.66 -18.59
CA ARG A 211 -0.11 -10.41 -19.70
C ARG A 211 -0.53 -11.82 -19.22
N ILE A 212 0.40 -12.44 -18.49
CA ILE A 212 0.28 -13.75 -17.89
C ILE A 212 -0.88 -13.74 -16.92
N ALA A 213 -1.01 -12.58 -16.29
CA ALA A 213 -2.05 -12.35 -15.31
C ALA A 213 -3.39 -12.06 -15.94
N GLY A 214 -3.40 -11.83 -17.24
CA GLY A 214 -4.62 -11.62 -17.99
C GLY A 214 -5.13 -10.21 -18.01
N ALA A 215 -4.25 -9.26 -17.82
CA ALA A 215 -4.64 -7.88 -17.97
C ALA A 215 -5.14 -7.61 -19.38
N SER A 216 -6.20 -6.83 -19.49
CA SER A 216 -6.77 -6.53 -20.79
C SER A 216 -6.19 -5.30 -21.43
N ARG A 217 -5.57 -4.45 -20.64
CA ARG A 217 -4.99 -3.23 -21.16
C ARG A 217 -3.76 -3.06 -20.36
N ILE A 218 -2.66 -2.98 -21.06
CA ILE A 218 -1.37 -2.90 -20.46
C ILE A 218 -0.71 -1.69 -21.07
N ILE A 219 -0.58 -0.65 -20.28
CA ILE A 219 -0.10 0.62 -20.80
C ILE A 219 1.37 0.81 -20.40
N GLY A 220 2.29 0.94 -21.35
CA GLY A 220 3.71 1.13 -21.08
C GLY A 220 4.11 2.59 -21.01
N VAL A 221 4.89 3.00 -20.02
CA VAL A 221 5.32 4.39 -19.93
C VAL A 221 6.87 4.51 -19.93
N ASP A 222 7.49 5.15 -20.94
CA ASP A 222 8.98 5.31 -21.01
C ASP A 222 9.33 6.56 -21.79
N PHE A 223 10.46 7.20 -21.42
CA PHE A 223 10.86 8.44 -22.10
C PHE A 223 11.52 8.25 -23.48
N ASN A 224 12.03 7.04 -23.73
CA ASN A 224 12.69 6.64 -24.97
C ASN A 224 11.69 5.87 -25.79
N SER A 225 11.16 6.59 -26.75
CA SER A 225 10.10 6.11 -27.57
C SER A 225 10.56 4.88 -28.36
N LYS A 226 11.86 4.66 -28.45
CA LYS A 226 12.38 3.56 -29.20
C LYS A 226 12.23 2.19 -28.53
N ARG A 227 11.84 2.16 -27.26
CA ARG A 227 11.51 0.91 -26.56
C ARG A 227 10.08 0.43 -26.78
N PHE A 228 9.28 1.26 -27.43
CA PHE A 228 7.87 1.01 -27.50
C PHE A 228 7.63 -0.24 -28.39
N ASP A 229 8.27 -0.28 -29.58
CA ASP A 229 8.01 -1.34 -30.58
C ASP A 229 8.24 -2.74 -29.99
N GLN A 230 9.37 -2.94 -29.34
CA GLN A 230 9.70 -4.22 -28.74
C GLN A 230 8.79 -4.64 -27.59
N ALA A 231 8.13 -3.69 -26.92
CA ALA A 231 7.27 -4.01 -25.77
C ALA A 231 6.01 -4.82 -26.06
N LYS A 232 5.51 -4.79 -27.31
CA LYS A 232 4.26 -5.46 -27.65
C LYS A 232 4.45 -6.94 -27.56
N GLU A 233 5.67 -7.39 -27.85
CA GLU A 233 6.01 -8.79 -27.72
C GLU A 233 5.94 -9.21 -26.30
N PHE A 234 5.99 -8.24 -25.41
CA PHE A 234 6.02 -8.58 -24.02
C PHE A 234 4.64 -8.43 -23.38
N GLY A 235 3.66 -8.12 -24.20
CA GLY A 235 2.28 -8.07 -23.78
C GLY A 235 1.74 -6.68 -23.67
N VAL A 236 2.57 -5.67 -23.82
CA VAL A 236 2.10 -4.29 -23.82
C VAL A 236 1.21 -4.02 -24.96
N THR A 237 0.06 -3.44 -24.69
CA THR A 237 -0.91 -3.17 -25.73
C THR A 237 -0.76 -1.73 -26.21
N GLU A 238 -0.33 -0.85 -25.32
CA GLU A 238 0.04 0.47 -25.76
C GLU A 238 1.05 1.18 -24.88
N CYS A 239 1.79 2.11 -25.47
CA CYS A 239 2.78 2.88 -24.77
C CYS A 239 2.56 4.36 -24.81
N VAL A 240 2.97 5.08 -23.77
CA VAL A 240 2.81 6.51 -23.74
C VAL A 240 4.09 7.18 -23.30
N ASN A 241 4.55 8.12 -24.08
CA ASN A 241 5.68 8.92 -23.71
C ASN A 241 5.30 10.28 -23.24
N PRO A 242 5.56 10.56 -21.93
CA PRO A 242 5.17 11.85 -21.39
C PRO A 242 5.71 13.01 -22.21
N LYS A 243 6.85 12.80 -22.87
CA LYS A 243 7.41 13.90 -23.63
C LYS A 243 6.44 14.27 -24.76
N ASP A 244 5.56 13.35 -25.16
CA ASP A 244 4.60 13.68 -26.24
C ASP A 244 3.33 14.33 -25.67
N HIS A 245 3.31 14.58 -24.36
CA HIS A 245 2.13 15.16 -23.71
C HIS A 245 2.45 16.33 -22.81
N ASP A 246 1.60 17.32 -22.89
CA ASP A 246 1.66 18.51 -22.08
C ASP A 246 1.12 18.23 -20.71
N LYS A 247 0.08 17.42 -20.72
CA LYS A 247 -0.63 17.04 -19.50
C LYS A 247 0.20 16.16 -18.56
N PRO A 248 -0.06 16.24 -17.24
CA PRO A 248 0.61 15.31 -16.33
C PRO A 248 0.28 13.91 -16.69
N ILE A 249 1.29 13.06 -16.63
CA ILE A 249 1.13 11.73 -17.14
C ILE A 249 0.05 10.94 -16.39
N GLN A 250 -0.12 11.21 -15.10
CA GLN A 250 -1.18 10.54 -14.34
C GLN A 250 -2.57 11.00 -14.72
N GLN A 251 -2.65 12.25 -15.16
CA GLN A 251 -3.95 12.75 -15.53
C GLN A 251 -4.32 12.15 -16.87
N VAL A 252 -3.34 12.01 -17.74
CA VAL A 252 -3.54 11.41 -19.05
C VAL A 252 -4.04 9.98 -18.98
N ILE A 253 -3.41 9.19 -18.15
CA ILE A 253 -3.80 7.81 -17.97
C ILE A 253 -5.19 7.73 -17.40
N ALA A 254 -5.50 8.63 -16.50
CA ALA A 254 -6.81 8.59 -15.90
C ALA A 254 -7.95 8.83 -16.88
N GLU A 255 -7.77 9.70 -17.87
CA GLU A 255 -8.83 9.94 -18.85
C GLU A 255 -8.91 8.84 -19.84
N MET A 256 -7.76 8.23 -20.13
CA MET A 256 -7.73 7.14 -21.10
C MET A 256 -8.51 5.94 -20.57
N THR A 257 -8.55 5.81 -19.25
CA THR A 257 -9.02 4.59 -18.54
C THR A 257 -10.14 4.89 -17.64
N ASP A 258 -10.76 6.01 -17.88
CA ASP A 258 -11.93 6.39 -17.15
C ASP A 258 -11.75 6.39 -15.59
N GLY A 259 -10.71 7.06 -15.13
CA GLY A 259 -10.46 7.21 -13.72
C GLY A 259 -9.13 6.74 -13.20
N GLY A 260 -8.44 5.95 -14.00
CA GLY A 260 -7.14 5.44 -13.58
C GLY A 260 -7.09 3.93 -13.75
N VAL A 261 -5.87 3.39 -13.78
CA VAL A 261 -5.67 1.95 -13.91
C VAL A 261 -6.04 1.19 -12.64
N ASP A 262 -6.29 -0.10 -12.83
CA ASP A 262 -6.63 -1.00 -11.73
C ASP A 262 -5.41 -1.32 -10.90
N ARG A 263 -4.30 -1.39 -11.61
CA ARG A 263 -3.00 -1.68 -11.03
C ARG A 263 -1.94 -0.82 -11.70
N SER A 264 -0.89 -0.45 -10.97
CA SER A 264 0.21 0.26 -11.60
C SER A 264 1.50 -0.29 -11.11
N VAL A 265 2.55 -0.15 -11.89
CA VAL A 265 3.86 -0.64 -11.46
C VAL A 265 4.89 0.34 -11.87
N GLU A 266 5.59 0.90 -10.89
CA GLU A 266 6.61 1.93 -11.13
C GLU A 266 7.98 1.25 -11.14
N CYS A 267 8.67 1.32 -12.29
CA CYS A 267 9.90 0.56 -12.56
C CYS A 267 11.15 1.38 -12.79
N THR A 268 11.07 2.71 -12.76
CA THR A 268 12.25 3.55 -13.03
C THR A 268 13.10 3.98 -11.85
N GLY A 269 12.47 4.06 -10.68
CA GLY A 269 13.06 4.52 -9.43
C GLY A 269 12.98 6.03 -9.29
N SER A 270 12.54 6.69 -10.34
CA SER A 270 12.31 8.11 -10.25
C SER A 270 11.14 8.36 -9.34
N VAL A 271 11.38 9.25 -8.37
CA VAL A 271 10.38 9.60 -7.38
C VAL A 271 9.23 10.30 -8.06
N GLN A 272 9.55 11.16 -9.03
CA GLN A 272 8.47 11.82 -9.74
C GLN A 272 7.54 10.76 -10.38
N ALA A 273 8.11 9.64 -10.84
CA ALA A 273 7.34 8.53 -11.43
C ALA A 273 6.56 7.77 -10.33
N MET A 274 7.13 7.67 -9.14
CA MET A 274 6.43 7.08 -8.03
C MET A 274 5.18 7.85 -7.72
N ILE A 275 5.24 9.17 -7.70
CA ILE A 275 4.05 9.92 -7.40
C ILE A 275 2.98 9.69 -8.49
N GLN A 276 3.43 9.76 -9.74
CA GLN A 276 2.53 9.58 -10.86
C GLN A 276 1.97 8.16 -10.88
N ALA A 277 2.83 7.18 -10.61
CA ALA A 277 2.38 5.80 -10.65
C ALA A 277 1.29 5.55 -9.64
N PHE A 278 1.44 6.13 -8.46
CA PHE A 278 0.41 6.01 -7.44
C PHE A 278 -0.88 6.80 -7.82
N GLU A 279 -0.72 8.05 -8.29
CA GLU A 279 -1.86 8.92 -8.52
C GLU A 279 -2.69 8.58 -9.76
N CYS A 280 -2.13 7.80 -10.69
CA CYS A 280 -2.84 7.43 -11.92
C CYS A 280 -3.79 6.24 -11.80
N VAL A 281 -3.76 5.58 -10.66
CA VAL A 281 -4.67 4.49 -10.39
C VAL A 281 -6.04 4.86 -9.91
N HIS A 282 -6.94 3.92 -10.07
CA HIS A 282 -8.31 4.10 -9.74
C HIS A 282 -8.49 4.12 -8.21
N ASP A 283 -9.37 5.02 -7.77
CA ASP A 283 -9.73 5.09 -6.40
C ASP A 283 -10.55 3.86 -6.11
N GLY A 284 -10.77 3.53 -4.86
CA GLY A 284 -11.60 2.40 -4.57
C GLY A 284 -10.91 1.05 -4.66
N TRP A 285 -10.23 0.75 -5.77
CA TRP A 285 -9.63 -0.59 -5.90
C TRP A 285 -8.23 -0.55 -6.49
N GLY A 286 -7.72 0.64 -6.77
CA GLY A 286 -6.42 0.79 -7.37
C GLY A 286 -5.24 0.42 -6.48
N VAL A 287 -4.27 -0.25 -7.08
CA VAL A 287 -3.07 -0.62 -6.39
C VAL A 287 -1.87 -0.22 -7.19
N ALA A 288 -1.04 0.62 -6.61
CA ALA A 288 0.21 1.01 -7.20
C ALA A 288 1.35 0.30 -6.48
N VAL A 289 2.35 -0.12 -7.26
CA VAL A 289 3.52 -0.82 -6.79
C VAL A 289 4.78 -0.14 -7.23
N LEU A 290 5.64 0.19 -6.29
CA LEU A 290 6.93 0.81 -6.60
C LEU A 290 7.96 -0.31 -6.55
N VAL A 291 8.83 -0.40 -7.54
CA VAL A 291 9.87 -1.44 -7.52
C VAL A 291 11.17 -0.84 -7.99
N GLY A 292 11.07 0.18 -8.83
CA GLY A 292 12.24 0.89 -9.21
C GLY A 292 12.91 1.47 -7.99
N VAL A 293 14.23 1.30 -7.94
CA VAL A 293 15.06 1.72 -6.81
C VAL A 293 15.62 3.07 -7.05
N PRO A 294 15.38 3.97 -6.09
CA PRO A 294 15.79 5.33 -6.37
C PRO A 294 17.31 5.50 -6.25
N SER A 295 17.86 6.37 -7.10
CA SER A 295 19.28 6.72 -7.06
C SER A 295 19.48 8.01 -6.28
N LYS A 296 18.40 8.79 -6.15
CA LYS A 296 18.42 10.06 -5.42
C LYS A 296 17.70 9.90 -4.09
N ASP A 297 17.77 10.92 -3.23
CA ASP A 297 17.07 10.92 -1.91
C ASP A 297 15.77 11.70 -1.75
N ASP A 298 15.24 12.19 -2.85
CA ASP A 298 13.97 12.89 -2.82
C ASP A 298 12.86 12.03 -2.19
N ALA A 299 11.98 12.68 -1.44
CA ALA A 299 10.88 12.02 -0.74
C ALA A 299 9.69 11.76 -1.69
N PHE A 300 8.96 10.68 -1.47
CA PHE A 300 7.66 10.49 -2.10
C PHE A 300 6.63 11.46 -1.53
N LYS A 301 5.86 12.11 -2.36
CA LYS A 301 4.89 13.10 -1.87
C LYS A 301 3.52 12.95 -2.50
N THR A 302 2.49 13.08 -1.71
CA THR A 302 1.16 12.99 -2.25
C THR A 302 0.09 13.46 -1.34
N HIS A 303 -1.01 13.92 -1.90
CA HIS A 303 -2.14 14.37 -1.13
C HIS A 303 -2.82 13.17 -0.47
N PRO A 304 -3.04 13.22 0.86
CA PRO A 304 -3.61 12.09 1.60
C PRO A 304 -4.96 11.52 1.13
N MET A 305 -5.84 12.36 0.58
CA MET A 305 -7.16 11.89 0.09
C MET A 305 -7.01 10.87 -1.02
N ASN A 306 -5.85 10.90 -1.65
CA ASN A 306 -5.56 9.94 -2.67
C ASN A 306 -5.56 8.56 -2.03
N PHE A 307 -5.21 8.48 -0.75
CA PHE A 307 -5.25 7.23 -0.03
C PHE A 307 -6.64 6.96 0.50
N LEU A 308 -7.20 7.97 1.15
CA LEU A 308 -8.51 7.83 1.74
C LEU A 308 -9.56 7.63 0.71
N ASN A 309 -9.31 8.00 -0.55
CA ASN A 309 -10.30 7.62 -1.54
C ASN A 309 -10.05 6.16 -1.91
N GLU A 310 -9.30 5.51 -1.05
CA GLU A 310 -9.09 4.08 -1.05
C GLU A 310 -8.14 3.57 -2.21
N ARG A 311 -7.00 4.22 -2.36
CA ARG A 311 -5.93 3.73 -3.22
C ARG A 311 -4.96 3.06 -2.28
N THR A 312 -4.09 2.22 -2.83
CA THR A 312 -3.17 1.50 -2.00
C THR A 312 -1.80 1.56 -2.59
N LEU A 313 -0.81 1.74 -1.74
CA LEU A 313 0.57 1.79 -2.21
C LEU A 313 1.50 0.82 -1.56
N LYS A 314 2.08 0.01 -2.44
CA LYS A 314 2.94 -1.06 -2.02
C LYS A 314 4.28 -0.96 -2.68
N GLY A 315 5.33 -1.18 -1.93
CA GLY A 315 6.65 -1.34 -2.48
C GLY A 315 7.09 -2.76 -2.31
N THR A 316 7.89 -3.26 -3.23
CA THR A 316 8.39 -4.61 -3.13
C THR A 316 9.86 -4.70 -3.56
N PHE A 317 10.49 -5.81 -3.18
CA PHE A 317 11.91 -6.08 -3.42
C PHE A 317 12.11 -7.42 -4.02
N PHE A 318 12.80 -7.39 -5.16
CA PHE A 318 13.04 -8.58 -5.92
C PHE A 318 11.71 -9.22 -6.19
N GLY A 319 10.70 -8.38 -6.44
CA GLY A 319 9.39 -8.88 -6.80
C GLY A 319 8.68 -9.70 -5.73
N ASN A 320 9.12 -9.54 -4.48
CA ASN A 320 8.60 -10.30 -3.34
C ASN A 320 8.76 -11.80 -3.46
N TYR A 321 9.71 -12.24 -4.28
CA TYR A 321 10.12 -13.66 -4.41
C TYR A 321 11.13 -14.06 -3.30
N LYS A 322 10.97 -15.23 -2.70
CA LYS A 322 11.98 -15.75 -1.79
C LYS A 322 13.06 -16.47 -2.59
N PRO A 323 14.33 -16.02 -2.54
CA PRO A 323 15.46 -16.49 -3.35
C PRO A 323 15.62 -18.03 -3.43
N LYS A 324 15.71 -18.74 -2.32
CA LYS A 324 15.95 -20.16 -2.44
C LYS A 324 14.67 -20.91 -2.72
N THR A 325 13.56 -20.49 -2.11
CA THR A 325 12.27 -21.17 -2.28
C THR A 325 11.54 -20.92 -3.59
N ASP A 326 11.52 -19.69 -4.08
CA ASP A 326 10.67 -19.36 -5.22
C ASP A 326 11.31 -19.37 -6.59
N ILE A 327 12.57 -18.97 -6.66
CA ILE A 327 13.18 -18.74 -7.94
C ILE A 327 13.18 -20.09 -8.69
N PRO A 328 13.41 -21.20 -7.97
CA PRO A 328 13.27 -22.45 -8.73
C PRO A 328 11.93 -22.60 -9.38
N GLY A 329 10.89 -22.13 -8.70
CA GLY A 329 9.54 -22.17 -9.24
C GLY A 329 9.25 -21.33 -10.47
N VAL A 330 9.87 -20.15 -10.56
CA VAL A 330 9.67 -19.23 -11.68
C VAL A 330 10.26 -19.89 -12.89
N VAL A 331 11.35 -20.59 -12.67
CA VAL A 331 12.04 -21.40 -13.66
C VAL A 331 11.14 -22.48 -14.12
N GLU A 332 10.32 -23.05 -13.26
CA GLU A 332 9.43 -24.06 -13.80
C GLU A 332 8.50 -23.41 -14.80
N LYS A 333 8.00 -22.24 -14.50
CA LYS A 333 7.16 -21.53 -15.46
C LYS A 333 7.73 -21.36 -16.84
N TYR A 334 9.04 -21.27 -16.93
CA TYR A 334 9.65 -21.12 -18.23
C TYR A 334 9.63 -22.49 -18.82
N MET A 335 9.96 -23.50 -18.03
CA MET A 335 9.91 -24.86 -18.53
C MET A 335 8.56 -25.25 -19.05
N ASN A 336 7.52 -24.88 -18.32
CA ASN A 336 6.17 -25.23 -18.66
C ASN A 336 5.55 -24.31 -19.71
N LYS A 337 6.37 -23.48 -20.34
CA LYS A 337 5.99 -22.64 -21.52
C LYS A 337 5.01 -21.56 -21.09
N GLU A 338 4.99 -21.30 -19.79
CA GLU A 338 4.24 -20.18 -19.27
C GLU A 338 5.03 -18.91 -19.46
N LEU A 339 6.33 -18.98 -19.23
CA LEU A 339 7.18 -17.80 -19.30
C LEU A 339 7.98 -17.84 -20.58
N GLU A 340 7.97 -16.75 -21.31
CA GLU A 340 8.69 -16.73 -22.56
C GLU A 340 9.84 -15.76 -22.25
N LEU A 341 11.03 -16.29 -22.08
CA LEU A 341 12.22 -15.54 -21.64
C LEU A 341 13.09 -15.12 -22.80
N GLU A 342 13.02 -15.90 -23.88
CA GLU A 342 13.87 -15.83 -25.04
C GLU A 342 13.80 -14.44 -25.65
N LYS A 343 12.61 -13.85 -25.58
CA LYS A 343 12.39 -12.55 -26.17
C LYS A 343 13.17 -11.48 -25.42
N PHE A 344 13.64 -11.79 -24.23
CA PHE A 344 14.44 -10.80 -23.51
C PHE A 344 15.89 -10.71 -23.91
N ILE A 345 16.38 -11.77 -24.52
CA ILE A 345 17.77 -11.89 -24.84
C ILE A 345 17.97 -11.35 -26.25
N THR A 346 18.62 -10.21 -26.36
CA THR A 346 18.75 -9.53 -27.63
C THR A 346 20.16 -9.71 -28.21
N HIS A 347 21.10 -10.19 -27.40
CA HIS A 347 22.50 -10.35 -27.84
C HIS A 347 23.11 -11.59 -27.20
N THR A 348 24.20 -12.08 -27.78
CA THR A 348 24.99 -13.19 -27.17
C THR A 348 26.40 -12.84 -27.56
N VAL A 349 27.34 -12.94 -26.62
CA VAL A 349 28.71 -12.66 -26.96
C VAL A 349 29.48 -13.69 -26.20
N PRO A 350 30.69 -13.97 -26.66
CA PRO A 350 31.58 -14.83 -25.88
C PRO A 350 32.14 -14.04 -24.69
N PHE A 351 32.54 -14.75 -23.64
CA PHE A 351 33.10 -14.20 -22.41
C PHE A 351 34.22 -13.22 -22.83
N SER A 352 34.89 -13.55 -23.93
CA SER A 352 35.99 -12.72 -24.48
C SER A 352 35.56 -11.34 -25.02
N GLU A 353 34.26 -11.18 -25.30
CA GLU A 353 33.80 -9.93 -25.84
C GLU A 353 32.89 -9.33 -24.84
N ILE A 354 33.22 -9.59 -23.58
CA ILE A 354 32.38 -9.13 -22.51
C ILE A 354 32.27 -7.59 -22.58
N ASN A 355 33.33 -6.89 -22.96
CA ASN A 355 33.15 -5.44 -23.01
C ASN A 355 32.06 -5.00 -24.02
N LYS A 356 31.73 -5.78 -25.03
CA LYS A 356 30.62 -5.42 -25.92
C LYS A 356 29.27 -5.33 -25.23
N ALA A 357 29.07 -6.15 -24.23
CA ALA A 357 27.83 -6.15 -23.48
C ALA A 357 27.64 -4.82 -22.83
N PHE A 358 28.73 -4.18 -22.46
CA PHE A 358 28.56 -2.88 -21.85
C PHE A 358 28.03 -1.88 -22.85
N ASP A 359 28.64 -1.91 -24.04
CA ASP A 359 28.29 -1.09 -25.18
C ASP A 359 26.85 -1.30 -25.57
N TYR A 360 26.47 -2.56 -25.75
CA TYR A 360 25.11 -2.81 -26.18
C TYR A 360 24.08 -2.30 -25.21
N MET A 361 24.35 -2.46 -23.94
CA MET A 361 23.43 -2.03 -22.91
C MET A 361 23.58 -0.54 -22.84
N LEU A 362 24.80 -0.02 -22.91
CA LEU A 362 24.91 1.45 -22.82
C LEU A 362 24.30 2.15 -24.01
N LYS A 363 24.14 1.51 -25.16
CA LYS A 363 23.50 2.25 -26.22
C LYS A 363 21.98 2.04 -26.14
N GLY A 364 21.52 1.34 -25.11
CA GLY A 364 20.11 1.04 -24.98
C GLY A 364 19.66 0.14 -26.08
N GLU A 365 20.62 -0.61 -26.58
CA GLU A 365 20.35 -1.47 -27.70
C GLU A 365 19.89 -2.79 -27.18
N SER A 366 20.18 -3.11 -25.93
CA SER A 366 19.89 -4.43 -25.48
C SER A 366 18.84 -4.41 -24.41
N ILE A 367 18.18 -5.55 -24.30
CA ILE A 367 17.38 -5.91 -23.19
C ILE A 367 18.31 -6.74 -22.34
N ARG A 368 18.63 -7.94 -22.82
CA ARG A 368 19.70 -8.71 -22.20
C ARG A 368 20.73 -9.23 -23.19
N CYS A 369 22.02 -9.17 -22.82
CA CYS A 369 23.05 -9.79 -23.63
C CYS A 369 23.61 -11.02 -22.81
N ILE A 370 23.49 -12.24 -23.32
CA ILE A 370 24.00 -13.45 -22.65
C ILE A 370 25.47 -13.67 -22.98
N ILE A 371 26.29 -13.85 -21.95
CA ILE A 371 27.72 -14.12 -22.06
C ILE A 371 28.12 -15.57 -21.82
N THR A 372 28.91 -16.12 -22.72
CA THR A 372 29.27 -17.53 -22.75
C THR A 372 30.74 -17.78 -22.39
N MET A 373 30.94 -18.54 -21.32
CA MET A 373 32.23 -18.84 -20.81
C MET A 373 32.81 -19.89 -21.74
N GLY A 374 34.14 -19.87 -21.82
CA GLY A 374 34.95 -20.83 -22.55
C GLY A 374 35.24 -20.31 -23.95
N ALA A 375 34.83 -19.06 -24.17
CA ALA A 375 35.08 -18.40 -25.42
C ALA A 375 35.36 -16.89 -25.27
N SER B 1 -46.98 13.25 1.01
CA SER B 1 -46.09 14.01 1.88
C SER B 1 -45.96 15.43 1.41
N GLN B 2 -45.84 16.31 2.38
CA GLN B 2 -45.89 17.77 2.26
C GLN B 2 -44.64 18.28 2.98
N ILE B 3 -44.61 19.54 3.33
CA ILE B 3 -43.41 20.07 3.92
C ILE B 3 -43.54 20.06 5.43
N ILE B 4 -42.49 19.66 6.11
CA ILE B 4 -42.48 19.55 7.57
C ILE B 4 -41.78 20.71 8.13
N ARG B 5 -42.40 21.20 9.18
CA ARG B 5 -41.84 22.26 9.99
C ARG B 5 -41.27 21.61 11.25
N CYS B 6 -39.97 21.78 11.49
CA CYS B 6 -39.32 21.12 12.64
C CYS B 6 -38.13 21.95 13.17
N LYS B 7 -37.47 21.45 14.21
CA LYS B 7 -36.30 22.11 14.78
C LYS B 7 -35.04 21.54 14.21
N ALA B 8 -34.08 22.41 13.98
CA ALA B 8 -32.77 21.99 13.53
C ALA B 8 -31.74 22.83 14.20
N ALA B 9 -30.56 22.27 14.40
CA ALA B 9 -29.43 22.99 14.97
C ALA B 9 -28.66 23.57 13.79
N VAL B 10 -28.82 24.87 13.58
CA VAL B 10 -28.27 25.53 12.40
C VAL B 10 -26.93 26.21 12.66
N ALA B 11 -25.94 26.00 11.80
CA ALA B 11 -24.69 26.78 11.83
C ALA B 11 -24.74 27.94 10.82
N TRP B 12 -24.79 29.16 11.29
CA TRP B 12 -24.88 30.29 10.38
C TRP B 12 -23.47 30.76 10.04
N GLU B 13 -22.49 30.40 10.86
CA GLU B 13 -21.21 31.09 10.73
C GLU B 13 -20.11 30.14 11.27
N ALA B 14 -18.97 30.14 10.59
CA ALA B 14 -17.84 29.27 10.90
C ALA B 14 -17.36 29.35 12.35
N GLY B 15 -17.14 28.20 12.95
CA GLY B 15 -16.59 28.06 14.28
C GLY B 15 -17.41 28.61 15.46
N LYS B 16 -18.63 29.07 15.19
CA LYS B 16 -19.62 29.61 16.15
C LYS B 16 -20.72 28.68 16.63
N PRO B 17 -21.29 28.97 17.81
CA PRO B 17 -22.35 28.10 18.34
C PRO B 17 -23.51 27.95 17.43
N LEU B 18 -24.01 26.72 17.39
CA LEU B 18 -25.21 26.33 16.66
C LEU B 18 -26.48 26.96 17.23
N VAL B 19 -27.48 27.20 16.38
CA VAL B 19 -28.75 27.77 16.82
C VAL B 19 -29.92 26.86 16.50
N ILE B 20 -30.72 26.52 17.47
CA ILE B 20 -31.93 25.74 17.16
C ILE B 20 -32.94 26.63 16.45
N GLU B 21 -33.25 26.31 15.22
CA GLU B 21 -34.19 27.06 14.41
C GLU B 21 -35.32 26.19 14.03
N GLU B 22 -36.44 26.85 13.77
CA GLU B 22 -37.58 26.24 13.12
C GLU B 22 -37.28 26.33 11.63
N VAL B 23 -37.19 25.18 11.00
CA VAL B 23 -36.88 25.03 9.58
C VAL B 23 -38.01 24.29 8.86
N GLU B 24 -38.04 24.36 7.54
CA GLU B 24 -39.00 23.63 6.78
C GLU B 24 -38.27 22.60 5.98
N VAL B 25 -38.75 21.37 6.04
CA VAL B 25 -38.10 20.24 5.40
C VAL B 25 -38.96 19.68 4.30
N ALA B 26 -38.49 19.84 3.07
CA ALA B 26 -39.27 19.44 1.92
C ALA B 26 -39.45 17.93 1.88
N PRO B 27 -40.47 17.49 1.16
CA PRO B 27 -40.74 16.07 1.06
C PRO B 27 -39.75 15.34 0.22
N PRO B 28 -39.64 14.05 0.45
CA PRO B 28 -38.64 13.35 -0.35
C PRO B 28 -39.01 13.16 -1.82
N GLN B 29 -38.09 13.37 -2.73
CA GLN B 29 -38.31 13.14 -4.15
C GLN B 29 -37.77 11.76 -4.46
N LYS B 30 -37.69 11.53 -5.75
CA LYS B 30 -37.29 10.27 -6.25
C LYS B 30 -36.05 9.86 -5.50
N HIS B 31 -36.18 8.64 -5.02
CA HIS B 31 -35.18 7.90 -4.34
C HIS B 31 -34.75 8.47 -3.04
N GLU B 32 -35.47 9.45 -2.51
CA GLU B 32 -35.14 10.03 -1.23
C GLU B 32 -36.11 9.48 -0.20
N VAL B 33 -35.72 9.44 1.07
CA VAL B 33 -36.67 9.05 2.14
C VAL B 33 -36.57 10.14 3.21
N ARG B 34 -37.64 10.41 3.92
CA ARG B 34 -37.54 11.44 4.91
C ARG B 34 -37.51 10.77 6.27
N ILE B 35 -36.56 11.15 7.12
CA ILE B 35 -36.30 10.45 8.35
C ILE B 35 -36.48 11.28 9.58
N LYS B 36 -37.13 10.68 10.57
CA LYS B 36 -37.20 11.26 11.90
C LYS B 36 -35.96 10.84 12.67
N ILE B 37 -35.16 11.80 13.06
CA ILE B 37 -33.92 11.55 13.77
C ILE B 37 -34.35 11.40 15.25
N LEU B 38 -33.97 10.30 15.89
CA LEU B 38 -34.35 10.06 17.31
C LEU B 38 -33.16 10.37 18.20
N PHE B 39 -32.02 9.91 17.70
CA PHE B 39 -30.69 10.04 18.29
C PHE B 39 -29.57 10.25 17.29
N THR B 40 -28.67 11.13 17.70
CA THR B 40 -27.50 11.49 16.93
C THR B 40 -26.29 11.78 17.82
N SER B 41 -25.10 11.73 17.26
CA SER B 41 -23.93 12.07 18.05
C SER B 41 -23.01 12.93 17.20
N LEU B 42 -21.97 13.43 17.84
CA LEU B 42 -21.07 14.32 17.17
C LEU B 42 -19.81 13.58 16.80
N CYS B 43 -19.33 13.83 15.58
CA CYS B 43 -18.11 13.23 15.11
C CYS B 43 -17.21 14.38 14.75
N HIS B 44 -15.92 14.21 14.92
CA HIS B 44 -14.93 15.26 14.65
C HIS B 44 -15.02 15.87 13.28
N THR B 45 -15.54 15.09 12.33
CA THR B 45 -15.58 15.55 10.95
C THR B 45 -16.55 16.73 10.92
N ASP B 46 -17.63 16.62 11.71
CA ASP B 46 -18.56 17.73 11.85
C ASP B 46 -17.83 18.96 12.32
N VAL B 47 -16.97 18.78 13.29
CA VAL B 47 -16.30 19.91 13.84
C VAL B 47 -15.39 20.60 12.82
N TYR B 48 -14.67 19.80 12.05
CA TYR B 48 -13.69 20.29 11.06
C TYR B 48 -14.34 21.18 10.04
N PHE B 49 -15.49 20.76 9.53
CA PHE B 49 -16.25 21.54 8.54
C PHE B 49 -17.05 22.61 9.25
N TRP B 50 -17.38 22.39 10.52
CA TRP B 50 -18.04 23.42 11.28
C TRP B 50 -17.11 24.56 11.54
N GLU B 51 -15.85 24.28 11.79
CA GLU B 51 -14.87 25.35 11.94
C GLU B 51 -14.40 25.98 10.63
N ALA B 52 -14.70 25.32 9.56
CA ALA B 52 -14.28 25.70 8.22
C ALA B 52 -12.76 25.86 8.24
N LYS B 53 -12.24 24.90 8.99
CA LYS B 53 -10.85 24.73 9.32
C LYS B 53 -10.08 24.60 8.00
N GLY B 54 -10.45 23.56 7.23
CA GLY B 54 -9.87 23.16 5.96
C GLY B 54 -10.72 23.35 4.74
N GLN B 55 -11.89 22.75 4.71
CA GLN B 55 -12.66 22.70 3.49
C GLN B 55 -13.13 24.05 2.98
N THR B 56 -13.81 23.97 1.83
CA THR B 56 -14.54 25.09 1.30
C THR B 56 -15.59 25.36 2.36
N PRO B 57 -15.55 26.51 3.04
CA PRO B 57 -16.60 26.70 4.05
C PRO B 57 -17.98 26.92 3.42
N LEU B 58 -19.05 26.32 3.92
CA LEU B 58 -20.38 26.58 3.37
C LEU B 58 -21.36 26.79 4.48
N PHE B 59 -21.94 27.98 4.52
CA PHE B 59 -22.86 28.24 5.55
C PHE B 59 -23.98 29.10 4.99
N PRO B 60 -25.15 29.07 5.62
CA PRO B 60 -25.47 28.27 6.78
C PRO B 60 -25.61 26.81 6.47
N ARG B 61 -25.45 25.98 7.50
CA ARG B 61 -25.40 24.54 7.27
C ARG B 61 -25.89 23.73 8.45
N ILE B 62 -26.48 22.58 8.12
CA ILE B 62 -26.88 21.55 9.11
C ILE B 62 -26.00 20.33 9.06
N PHE B 63 -25.20 20.15 10.11
CA PHE B 63 -24.26 19.06 10.15
C PHE B 63 -24.92 17.82 10.72
N GLY B 64 -24.10 16.82 10.98
CA GLY B 64 -24.51 15.55 11.54
C GLY B 64 -24.62 14.42 10.58
N HIS B 65 -23.93 13.30 10.85
CA HIS B 65 -24.04 12.12 10.01
C HIS B 65 -24.04 10.85 10.84
N GLU B 66 -23.91 11.01 12.15
CA GLU B 66 -24.06 9.87 13.04
C GLU B 66 -25.39 10.03 13.70
N ALA B 67 -26.27 9.13 13.38
CA ALA B 67 -27.60 9.24 13.86
C ALA B 67 -28.39 7.93 13.78
N GLY B 68 -29.47 7.93 14.56
CA GLY B 68 -30.46 6.87 14.56
C GLY B 68 -31.79 7.56 14.41
N GLY B 69 -32.66 7.03 13.57
CA GLY B 69 -33.89 7.70 13.31
C GLY B 69 -34.93 6.78 12.74
N ILE B 70 -36.08 7.35 12.30
CA ILE B 70 -37.21 6.55 11.79
C ILE B 70 -37.74 7.06 10.43
N VAL B 71 -37.98 6.18 9.49
CA VAL B 71 -38.41 6.65 8.18
C VAL B 71 -39.80 7.31 8.34
N GLU B 72 -40.00 8.53 7.87
CA GLU B 72 -41.29 9.14 8.04
C GLU B 72 -42.08 8.95 6.77
N SER B 73 -41.35 9.03 5.67
CA SER B 73 -41.91 8.77 4.40
C SER B 73 -40.79 8.55 3.41
N VAL B 74 -41.17 7.98 2.30
CA VAL B 74 -40.28 7.60 1.22
C VAL B 74 -40.71 8.22 -0.08
N GLY B 75 -39.72 8.40 -0.94
CA GLY B 75 -39.94 9.00 -2.22
C GLY B 75 -40.30 8.04 -3.28
N GLU B 76 -40.49 8.56 -4.48
CA GLU B 76 -40.88 7.71 -5.54
C GLU B 76 -39.75 6.77 -5.83
N GLY B 77 -40.06 5.54 -6.21
CA GLY B 77 -39.05 4.57 -6.57
C GLY B 77 -38.40 3.76 -5.49
N VAL B 78 -38.70 4.09 -4.24
CA VAL B 78 -38.13 3.40 -3.11
C VAL B 78 -38.88 2.14 -2.71
N THR B 79 -38.20 1.00 -2.75
CA THR B 79 -38.80 -0.32 -2.46
C THR B 79 -38.20 -1.01 -1.23
N ASP B 80 -37.01 -0.61 -0.81
CA ASP B 80 -36.33 -1.25 0.31
C ASP B 80 -36.58 -0.66 1.73
N LEU B 81 -37.34 0.42 1.78
CA LEU B 81 -37.75 1.18 2.97
C LEU B 81 -39.16 1.63 2.99
N GLN B 82 -39.68 1.68 4.18
CA GLN B 82 -41.00 2.19 4.38
C GLN B 82 -41.13 2.95 5.69
N PRO B 83 -42.17 3.81 5.77
CA PRO B 83 -42.41 4.55 7.02
C PRO B 83 -42.43 3.61 8.20
N GLY B 84 -41.70 3.98 9.26
CA GLY B 84 -41.65 3.14 10.45
C GLY B 84 -40.38 2.36 10.60
N ASP B 85 -39.64 2.15 9.51
CA ASP B 85 -38.41 1.37 9.57
C ASP B 85 -37.42 2.06 10.45
N HIS B 86 -36.70 1.29 11.23
CA HIS B 86 -35.63 1.85 11.99
C HIS B 86 -34.39 1.91 11.12
N VAL B 87 -33.74 3.05 11.04
CA VAL B 87 -32.64 3.19 10.09
C VAL B 87 -31.47 3.98 10.67
N LEU B 88 -30.30 3.73 10.09
CA LEU B 88 -29.09 4.54 10.26
C LEU B 88 -28.68 5.16 8.93
N PRO B 89 -28.63 6.49 8.87
CA PRO B 89 -28.05 7.19 7.74
C PRO B 89 -26.54 7.09 7.79
N ILE B 90 -25.89 6.86 6.66
CA ILE B 90 -24.43 6.79 6.59
C ILE B 90 -23.91 7.83 5.59
N PHE B 91 -22.77 8.45 5.86
CA PHE B 91 -22.22 9.54 5.05
C PHE B 91 -21.78 9.13 3.66
N THR B 92 -21.78 7.84 3.39
CA THR B 92 -21.39 7.33 2.09
C THR B 92 -22.28 6.15 1.86
N GLY B 93 -22.68 5.98 0.60
CA GLY B 93 -23.75 5.09 0.23
C GLY B 93 -23.43 3.88 -0.62
N GLU B 94 -24.47 3.15 -0.94
CA GLU B 94 -24.31 1.97 -1.74
C GLU B 94 -25.45 1.68 -2.74
N CYS B 95 -25.26 2.08 -4.00
CA CYS B 95 -26.22 1.93 -5.09
C CYS B 95 -26.44 0.50 -5.61
N GLY B 96 -25.46 -0.40 -5.50
CA GLY B 96 -25.71 -1.78 -5.85
C GLY B 96 -25.57 -2.09 -7.33
N GLU B 97 -25.27 -1.06 -8.12
CA GLU B 97 -25.22 -1.17 -9.55
C GLU B 97 -24.00 -0.45 -10.11
N CYS B 98 -23.07 0.05 -9.29
CA CYS B 98 -21.80 0.60 -9.85
C CYS B 98 -20.68 -0.44 -9.72
N ARG B 99 -19.52 -0.17 -10.31
CA ARG B 99 -18.39 -1.09 -10.27
C ARG B 99 -17.93 -1.23 -8.81
N HIS B 100 -17.95 -0.10 -8.11
CA HIS B 100 -17.48 -0.08 -6.74
C HIS B 100 -18.47 -0.84 -5.87
N CYS B 101 -19.77 -0.66 -6.08
CA CYS B 101 -20.77 -1.42 -5.32
C CYS B 101 -20.70 -2.89 -5.65
N HIS B 102 -20.43 -3.12 -6.93
CA HIS B 102 -20.26 -4.45 -7.51
C HIS B 102 -18.94 -5.10 -7.05
N SER B 103 -17.95 -4.30 -6.65
CA SER B 103 -16.64 -4.84 -6.21
C SER B 103 -16.62 -5.45 -4.82
N GLU B 104 -15.76 -6.45 -4.65
CA GLU B 104 -15.62 -7.07 -3.33
C GLU B 104 -14.73 -6.20 -2.41
N GLU B 105 -13.91 -5.38 -3.07
CA GLU B 105 -12.83 -4.63 -2.42
C GLU B 105 -13.23 -3.23 -1.98
N SER B 106 -14.07 -2.56 -2.77
CA SER B 106 -14.36 -1.15 -2.58
C SER B 106 -15.74 -0.76 -2.09
N ASN B 107 -15.83 0.29 -1.29
CA ASN B 107 -17.13 0.82 -0.91
C ASN B 107 -17.28 2.26 -1.42
N MET B 108 -16.52 2.64 -2.43
CA MET B 108 -16.59 4.01 -2.90
C MET B 108 -17.51 4.10 -4.12
N CYS B 109 -18.81 3.96 -3.82
CA CYS B 109 -19.89 3.94 -4.78
C CYS B 109 -19.78 5.15 -5.66
N ASP B 110 -19.87 4.99 -6.97
CA ASP B 110 -19.69 6.16 -7.82
C ASP B 110 -20.79 7.16 -7.64
N LEU B 111 -21.89 6.73 -7.11
CA LEU B 111 -23.03 7.57 -6.91
C LEU B 111 -23.07 8.16 -5.55
N LEU B 112 -22.73 7.35 -4.57
CA LEU B 112 -23.16 7.69 -3.27
C LEU B 112 -22.00 7.84 -2.32
N ARG B 113 -20.80 8.00 -2.88
CA ARG B 113 -19.63 8.16 -2.09
C ARG B 113 -19.59 9.52 -1.47
N ILE B 114 -18.90 9.62 -0.34
CA ILE B 114 -18.81 10.83 0.48
C ILE B 114 -18.57 12.04 -0.40
N ASN B 115 -19.25 13.13 -0.14
CA ASN B 115 -18.99 14.35 -0.84
C ASN B 115 -19.16 15.44 0.14
N THR B 116 -18.09 16.12 0.49
CA THR B 116 -18.20 17.06 1.57
C THR B 116 -18.58 18.49 1.20
N GLU B 117 -18.48 18.82 -0.09
CA GLU B 117 -18.75 20.18 -0.59
C GLU B 117 -20.20 20.32 -0.92
N ARG B 118 -20.83 19.22 -1.29
CA ARG B 118 -22.17 19.26 -1.79
C ARG B 118 -23.10 19.64 -0.60
N GLY B 119 -23.90 20.68 -0.79
CA GLY B 119 -24.82 21.21 0.22
C GLY B 119 -26.28 20.90 -0.04
N GLY B 120 -26.54 20.36 -1.23
CA GLY B 120 -27.88 20.00 -1.67
C GLY B 120 -28.02 18.52 -2.02
N MET B 121 -29.22 18.12 -2.42
CA MET B 121 -29.48 16.76 -2.81
C MET B 121 -29.05 16.50 -4.22
N ILE B 122 -28.80 15.23 -4.47
CA ILE B 122 -28.41 14.73 -5.77
C ILE B 122 -29.45 15.04 -6.81
N HIS B 123 -30.69 14.72 -6.49
CA HIS B 123 -31.73 14.78 -7.48
C HIS B 123 -31.85 16.05 -8.28
N ASP B 124 -31.83 17.19 -7.64
CA ASP B 124 -32.17 18.39 -8.32
C ASP B 124 -31.18 19.48 -7.98
N GLY B 125 -30.18 19.13 -7.19
CA GLY B 125 -29.19 20.11 -6.85
C GLY B 125 -29.62 21.16 -5.85
N GLU B 126 -30.84 21.01 -5.29
CA GLU B 126 -31.48 21.98 -4.36
C GLU B 126 -31.32 21.39 -2.96
N SER B 127 -31.36 22.24 -1.96
CA SER B 127 -31.47 21.83 -0.56
C SER B 127 -32.92 21.53 -0.15
N ARG B 128 -33.14 20.52 0.68
CA ARG B 128 -34.44 20.28 1.28
C ARG B 128 -34.74 21.10 2.55
N PHE B 129 -33.76 21.80 3.09
CA PHE B 129 -33.96 22.66 4.25
C PHE B 129 -34.10 24.14 3.91
N SER B 130 -35.00 24.88 4.58
CA SER B 130 -35.01 26.32 4.40
C SER B 130 -35.56 27.02 5.58
N ILE B 131 -35.17 28.28 5.71
CA ILE B 131 -35.74 29.17 6.70
C ILE B 131 -36.04 30.44 6.00
N ASN B 132 -37.28 30.88 6.14
CA ASN B 132 -37.78 32.06 5.46
C ASN B 132 -37.46 32.11 3.99
N GLY B 133 -37.61 30.95 3.35
CA GLY B 133 -37.47 30.83 1.94
C GLY B 133 -36.04 30.76 1.52
N LYS B 134 -35.14 30.70 2.48
CA LYS B 134 -33.77 30.62 2.10
C LYS B 134 -33.20 29.25 2.42
N PRO B 135 -32.36 28.69 1.54
CA PRO B 135 -31.84 27.32 1.70
C PRO B 135 -30.93 27.23 2.90
N ILE B 136 -31.05 26.19 3.70
CA ILE B 136 -30.04 25.89 4.67
C ILE B 136 -29.38 24.61 4.12
N TYR B 137 -28.06 24.60 3.94
CA TYR B 137 -27.40 23.55 3.14
C TYR B 137 -27.16 22.24 3.89
N HIS B 138 -27.14 21.13 3.15
CA HIS B 138 -26.87 19.78 3.62
C HIS B 138 -25.44 19.39 3.96
N PHE B 139 -25.29 18.29 4.68
CA PHE B 139 -23.97 17.73 4.94
C PHE B 139 -23.81 16.23 4.77
N LEU B 140 -22.95 15.84 3.84
CA LEU B 140 -22.67 14.44 3.60
C LEU B 140 -23.92 13.72 3.27
N GLY B 141 -24.90 14.47 2.79
CA GLY B 141 -26.18 13.90 2.44
C GLY B 141 -26.97 13.36 3.59
N THR B 142 -26.59 13.75 4.81
CA THR B 142 -27.24 13.28 6.02
C THR B 142 -27.88 14.40 6.85
N SER B 143 -27.13 15.46 7.13
CA SER B 143 -27.60 16.58 7.93
C SER B 143 -28.53 16.10 9.04
N THR B 144 -27.96 15.47 10.06
CA THR B 144 -28.74 14.85 11.09
C THR B 144 -28.95 15.79 12.21
N PHE B 145 -28.43 17.00 12.13
CA PHE B 145 -28.73 17.93 13.21
C PHE B 145 -30.06 18.63 13.00
N SER B 146 -31.09 17.86 12.74
CA SER B 146 -32.41 18.39 12.52
C SER B 146 -33.38 17.34 12.93
N GLU B 147 -34.53 17.72 13.48
CA GLU B 147 -35.52 16.75 13.93
C GLU B 147 -36.02 15.88 12.77
N TYR B 148 -36.03 16.45 11.56
CA TYR B 148 -36.36 15.68 10.37
C TYR B 148 -35.33 16.04 9.26
N THR B 149 -34.90 15.02 8.53
CA THR B 149 -34.00 15.20 7.40
C THR B 149 -34.35 14.29 6.28
N VAL B 150 -33.82 14.63 5.12
CA VAL B 150 -34.06 13.87 3.89
C VAL B 150 -32.72 13.39 3.40
N VAL B 151 -32.70 12.11 3.08
CA VAL B 151 -31.49 11.36 2.78
C VAL B 151 -31.79 10.41 1.65
N HIS B 152 -30.85 10.27 0.71
CA HIS B 152 -31.03 9.30 -0.37
C HIS B 152 -31.20 7.92 0.22
N SER B 153 -32.12 7.13 -0.31
CA SER B 153 -32.46 5.87 0.31
C SER B 153 -31.22 4.91 0.31
N GLY B 154 -30.43 4.94 -0.75
CA GLY B 154 -29.12 4.28 -0.79
C GLY B 154 -28.12 4.57 0.31
N GLN B 155 -28.32 5.65 1.07
CA GLN B 155 -27.41 5.93 2.17
C GLN B 155 -28.11 5.62 3.49
N VAL B 156 -29.18 4.87 3.45
CA VAL B 156 -29.95 4.59 4.64
C VAL B 156 -30.10 3.13 4.95
N ALA B 157 -29.50 2.73 6.05
CA ALA B 157 -29.48 1.35 6.43
C ALA B 157 -30.58 0.95 7.34
N LYS B 158 -31.48 0.13 6.84
CA LYS B 158 -32.48 -0.44 7.68
C LYS B 158 -31.97 -1.45 8.65
N ILE B 159 -32.31 -1.27 9.94
CA ILE B 159 -31.84 -2.21 10.94
C ILE B 159 -32.96 -2.82 11.75
N ASN B 160 -32.54 -3.78 12.53
CA ASN B 160 -33.39 -4.50 13.39
C ASN B 160 -34.14 -3.47 14.28
N PRO B 161 -35.46 -3.45 14.24
CA PRO B 161 -36.27 -2.45 14.94
C PRO B 161 -36.26 -2.54 16.43
N ASP B 162 -35.71 -3.61 16.98
CA ASP B 162 -35.59 -3.80 18.43
C ASP B 162 -34.29 -3.19 18.95
N ALA B 163 -33.40 -2.84 18.04
CA ALA B 163 -32.15 -2.22 18.42
C ALA B 163 -32.37 -0.84 19.06
N PRO B 164 -31.69 -0.58 20.19
CA PRO B 164 -31.92 0.73 20.78
C PRO B 164 -31.24 1.77 19.94
N LEU B 165 -31.96 2.65 19.26
CA LEU B 165 -31.30 3.59 18.35
C LEU B 165 -30.34 4.55 19.04
N ASP B 166 -30.51 4.70 20.34
CA ASP B 166 -29.66 5.57 21.13
C ASP B 166 -28.32 4.97 21.54
N LYS B 167 -28.08 3.74 21.11
CA LYS B 167 -26.78 3.08 21.30
C LYS B 167 -26.18 2.87 19.93
N VAL B 168 -26.99 2.38 19.03
CA VAL B 168 -26.49 1.97 17.74
C VAL B 168 -26.30 3.13 16.76
N CYS B 169 -26.62 4.36 17.13
CA CYS B 169 -26.35 5.50 16.28
C CYS B 169 -24.88 5.67 15.98
N ILE B 170 -24.00 5.25 16.89
CA ILE B 170 -22.55 5.40 16.65
C ILE B 170 -22.00 4.43 15.66
N VAL B 171 -22.82 3.47 15.29
CA VAL B 171 -22.41 2.51 14.34
C VAL B 171 -22.40 3.17 12.94
N SER B 172 -23.02 4.34 12.80
CA SER B 172 -23.17 4.93 11.46
C SER B 172 -21.99 5.76 10.90
N CYS B 173 -20.94 5.99 11.68
CA CYS B 173 -19.69 6.64 11.24
C CYS B 173 -18.50 6.07 12.00
N GLY B 174 -18.22 6.65 13.16
CA GLY B 174 -16.96 6.49 13.88
C GLY B 174 -16.64 5.06 14.26
N LEU B 175 -17.56 4.44 14.92
CA LEU B 175 -17.30 3.10 15.38
C LEU B 175 -16.94 2.08 14.30
N SER B 176 -17.69 2.04 13.21
CA SER B 176 -17.46 1.07 12.17
C SER B 176 -16.22 1.34 11.35
N THR B 177 -15.93 2.62 11.26
CA THR B 177 -14.78 3.06 10.55
C THR B 177 -13.51 2.55 11.15
N GLY B 178 -13.40 2.64 12.48
CA GLY B 178 -12.22 2.16 13.18
C GLY B 178 -12.25 0.66 13.15
N LEU B 179 -13.38 0.12 13.49
CA LEU B 179 -13.56 -1.30 13.49
C LEU B 179 -13.12 -1.99 12.19
N GLY B 180 -13.61 -1.42 11.08
CA GLY B 180 -13.38 -1.92 9.74
C GLY B 180 -11.97 -1.63 9.29
N ALA B 181 -11.44 -0.51 9.74
CA ALA B 181 -10.09 -0.17 9.42
C ALA B 181 -9.26 -1.34 9.83
N THR B 182 -9.61 -1.96 10.94
CA THR B 182 -8.88 -3.11 11.38
C THR B 182 -9.29 -4.46 10.72
N LEU B 183 -10.57 -4.82 10.79
CA LEU B 183 -10.99 -6.14 10.37
C LEU B 183 -11.06 -6.35 8.88
N ASN B 184 -11.38 -5.31 8.14
CA ASN B 184 -11.55 -5.43 6.70
C ASN B 184 -10.37 -4.99 5.87
N VAL B 185 -9.55 -4.11 6.41
CA VAL B 185 -8.50 -3.49 5.64
C VAL B 185 -7.07 -3.84 6.07
N ALA B 186 -6.67 -3.54 7.30
CA ALA B 186 -5.35 -3.92 7.81
C ALA B 186 -5.20 -5.41 7.91
N LYS B 187 -6.21 -5.98 8.54
CA LYS B 187 -6.37 -7.38 8.79
C LYS B 187 -5.15 -8.06 9.47
N PRO B 188 -4.92 -7.69 10.75
CA PRO B 188 -3.90 -8.31 11.63
C PRO B 188 -4.24 -9.73 11.96
N LYS B 189 -3.19 -10.54 11.93
CA LYS B 189 -3.28 -11.94 12.27
C LYS B 189 -3.22 -12.19 13.78
N LYS B 190 -3.68 -13.36 14.22
CA LYS B 190 -3.60 -13.69 15.63
C LYS B 190 -2.19 -13.59 16.15
N GLY B 191 -2.08 -12.91 17.28
CA GLY B 191 -0.82 -12.82 17.99
C GLY B 191 -0.09 -11.59 17.57
N GLN B 192 -0.53 -10.95 16.49
CA GLN B 192 0.23 -9.82 16.01
C GLN B 192 0.03 -8.54 16.79
N SER B 193 0.90 -7.58 16.50
CA SER B 193 0.86 -6.27 17.16
C SER B 193 0.33 -5.17 16.27
N VAL B 194 -0.35 -4.20 16.86
CA VAL B 194 -0.96 -3.18 16.07
C VAL B 194 -0.69 -1.83 16.71
N ALA B 195 -0.34 -0.80 15.95
CA ALA B 195 -0.22 0.54 16.56
C ALA B 195 -1.37 1.48 16.15
N ILE B 196 -1.96 2.22 17.11
CA ILE B 196 -3.08 3.07 16.70
C ILE B 196 -2.73 4.50 17.13
N PHE B 197 -2.62 5.42 16.19
CA PHE B 197 -2.32 6.80 16.53
C PHE B 197 -3.68 7.52 16.63
N GLY B 198 -4.11 7.95 17.80
CA GLY B 198 -5.38 8.61 18.02
C GLY B 198 -6.34 7.72 18.74
N LEU B 199 -6.86 8.21 19.85
CA LEU B 199 -7.73 7.47 20.71
C LEU B 199 -9.09 8.08 20.94
N GLY B 200 -9.61 8.77 19.95
CA GLY B 200 -10.99 9.19 20.05
C GLY B 200 -11.92 8.06 19.72
N ALA B 201 -13.15 8.37 19.40
CA ALA B 201 -14.06 7.30 19.15
C ALA B 201 -13.61 6.41 17.96
N VAL B 202 -13.03 6.99 16.91
CA VAL B 202 -12.56 6.19 15.76
C VAL B 202 -11.40 5.26 16.14
N GLY B 203 -10.39 5.84 16.75
CA GLY B 203 -9.23 5.10 17.19
C GLY B 203 -9.66 3.97 18.09
N LEU B 204 -10.56 4.21 19.02
CA LEU B 204 -11.00 3.15 19.92
C LEU B 204 -11.83 2.06 19.28
N GLY B 205 -12.51 2.34 18.17
CA GLY B 205 -13.18 1.29 17.43
C GLY B 205 -12.12 0.39 16.79
N ALA B 206 -11.07 1.00 16.29
CA ALA B 206 -10.01 0.25 15.67
C ALA B 206 -9.36 -0.66 16.67
N ALA B 207 -9.13 -0.14 17.85
CA ALA B 207 -8.56 -0.92 18.95
C ALA B 207 -9.48 -2.09 19.29
N GLU B 208 -10.76 -1.81 19.41
CA GLU B 208 -11.74 -2.83 19.71
C GLU B 208 -11.64 -3.93 18.68
N GLY B 209 -11.44 -3.51 17.42
CA GLY B 209 -11.28 -4.41 16.28
C GLY B 209 -10.05 -5.27 16.23
N ALA B 210 -8.93 -4.70 16.59
CA ALA B 210 -7.70 -5.45 16.60
C ALA B 210 -7.77 -6.51 17.69
N ARG B 211 -8.40 -6.15 18.80
CA ARG B 211 -8.66 -7.06 19.92
C ARG B 211 -9.55 -8.13 19.34
N ILE B 212 -10.55 -7.71 18.60
CA ILE B 212 -11.46 -8.64 17.96
C ILE B 212 -10.62 -9.57 17.03
N ALA B 213 -9.58 -9.07 16.39
CA ALA B 213 -8.78 -9.92 15.52
C ALA B 213 -7.82 -10.83 16.25
N GLY B 214 -7.69 -10.59 17.54
CA GLY B 214 -6.87 -11.40 18.41
C GLY B 214 -5.43 -10.89 18.42
N ALA B 215 -5.26 -9.61 18.14
CA ALA B 215 -3.96 -8.95 18.26
C ALA B 215 -3.49 -9.07 19.69
N SER B 216 -2.21 -9.35 19.85
CA SER B 216 -1.61 -9.56 21.14
C SER B 216 -1.06 -8.31 21.77
N ARG B 217 -0.91 -7.33 20.89
CA ARG B 217 -0.40 -6.03 21.29
C ARG B 217 -1.04 -4.92 20.55
N ILE B 218 -1.62 -4.00 21.28
CA ILE B 218 -2.35 -2.85 20.73
C ILE B 218 -1.79 -1.68 21.39
N ILE B 219 -1.06 -0.91 20.63
CA ILE B 219 -0.32 0.18 21.18
C ILE B 219 -1.12 1.43 20.92
N GLY B 220 -1.55 2.13 21.96
CA GLY B 220 -2.34 3.34 21.76
C GLY B 220 -1.37 4.49 21.73
N VAL B 221 -1.49 5.36 20.74
CA VAL B 221 -0.62 6.53 20.63
C VAL B 221 -1.37 7.83 20.60
N ASP B 222 -1.14 8.67 21.59
CA ASP B 222 -1.85 9.93 21.57
C ASP B 222 -1.17 11.10 22.31
N PHE B 223 -1.39 12.32 21.79
CA PHE B 223 -0.83 13.51 22.40
C PHE B 223 -1.61 13.88 23.64
N ASN B 224 -2.80 13.36 23.80
CA ASN B 224 -3.56 13.67 24.99
C ASN B 224 -3.46 12.51 25.97
N SER B 225 -2.57 12.63 26.96
CA SER B 225 -2.32 11.51 27.88
C SER B 225 -3.53 11.12 28.69
N LYS B 226 -4.48 12.03 28.81
CA LYS B 226 -5.63 11.74 29.65
C LYS B 226 -6.63 10.82 28.97
N ARG B 227 -6.39 10.49 27.71
CA ARG B 227 -7.25 9.56 27.00
C ARG B 227 -6.80 8.11 27.33
N PHE B 228 -5.66 7.97 28.02
CA PHE B 228 -5.00 6.68 28.17
C PHE B 228 -5.70 5.69 29.06
N ASP B 229 -6.10 6.10 30.23
CA ASP B 229 -6.65 5.14 31.20
C ASP B 229 -7.83 4.35 30.67
N GLN B 230 -8.81 5.04 30.12
CA GLN B 230 -9.95 4.36 29.55
C GLN B 230 -9.63 3.46 28.40
N ALA B 231 -8.50 3.71 27.74
CA ALA B 231 -8.20 3.00 26.51
C ALA B 231 -8.01 1.49 26.63
N LYS B 232 -7.67 1.02 27.81
CA LYS B 232 -7.46 -0.41 28.02
C LYS B 232 -8.74 -1.17 27.95
N GLU B 233 -9.83 -0.51 28.27
CA GLU B 233 -11.15 -1.11 28.19
C GLU B 233 -11.57 -1.51 26.76
N PHE B 234 -10.92 -0.92 25.78
CA PHE B 234 -11.20 -1.16 24.37
C PHE B 234 -10.19 -2.08 23.71
N GLY B 235 -9.27 -2.59 24.50
CA GLY B 235 -8.27 -3.54 24.10
C GLY B 235 -6.85 -2.99 24.05
N VAL B 236 -6.65 -1.70 24.24
CA VAL B 236 -5.30 -1.17 24.32
C VAL B 236 -4.46 -1.65 25.49
N THR B 237 -3.26 -2.13 25.17
CA THR B 237 -2.32 -2.70 26.13
C THR B 237 -1.21 -1.73 26.63
N GLU B 238 -0.82 -0.77 25.83
CA GLU B 238 0.05 0.29 26.30
C GLU B 238 -0.17 1.53 25.55
N CYS B 239 0.13 2.63 26.20
CA CYS B 239 -0.04 3.93 25.59
C CYS B 239 1.27 4.70 25.56
N VAL B 240 1.44 5.53 24.54
CA VAL B 240 2.63 6.35 24.38
C VAL B 240 2.30 7.75 24.04
N ASN B 241 2.87 8.68 24.79
CA ASN B 241 2.73 10.08 24.47
C ASN B 241 4.02 10.55 23.79
N PRO B 242 3.93 10.91 22.51
CA PRO B 242 5.13 11.29 21.74
C PRO B 242 5.93 12.38 22.42
N LYS B 243 5.23 13.24 23.14
CA LYS B 243 5.88 14.31 23.91
C LYS B 243 6.75 13.80 25.05
N ASP B 244 6.47 12.60 25.49
CA ASP B 244 7.25 12.07 26.55
C ASP B 244 8.52 11.40 26.08
N HIS B 245 8.78 11.48 24.78
CA HIS B 245 9.94 10.85 24.22
C HIS B 245 10.76 11.73 23.33
N ASP B 246 12.08 11.61 23.45
CA ASP B 246 13.08 12.33 22.63
C ASP B 246 13.20 11.74 21.24
N LYS B 247 13.09 10.42 21.18
CA LYS B 247 13.20 9.66 19.96
C LYS B 247 12.07 9.95 19.00
N PRO B 248 12.37 9.78 17.72
CA PRO B 248 11.24 9.90 16.81
C PRO B 248 10.19 8.88 17.22
N ILE B 249 8.92 9.27 17.17
CA ILE B 249 7.89 8.40 17.69
C ILE B 249 7.87 7.08 16.92
N GLN B 250 8.18 7.09 15.64
CA GLN B 250 8.28 5.84 14.90
C GLN B 250 9.50 5.01 15.32
N GLN B 251 10.55 5.69 15.78
CA GLN B 251 11.76 5.02 16.25
C GLN B 251 11.39 4.47 17.60
N VAL B 252 10.60 5.20 18.37
CA VAL B 252 10.18 4.66 19.65
C VAL B 252 9.46 3.37 19.45
N ILE B 253 8.53 3.35 18.52
CA ILE B 253 7.77 2.14 18.24
C ILE B 253 8.57 0.98 17.65
N ALA B 254 9.49 1.27 16.76
CA ALA B 254 10.26 0.22 16.13
C ALA B 254 11.11 -0.58 17.10
N GLU B 255 11.56 0.15 18.11
CA GLU B 255 12.35 -0.42 19.19
C GLU B 255 11.51 -1.15 20.17
N MET B 256 10.26 -0.69 20.36
CA MET B 256 9.39 -1.41 21.28
C MET B 256 9.09 -2.77 20.75
N THR B 257 9.14 -2.84 19.44
CA THR B 257 8.62 -3.94 18.71
C THR B 257 9.66 -4.60 17.84
N ASP B 258 10.73 -5.14 18.44
CA ASP B 258 11.77 -5.86 17.66
C ASP B 258 11.74 -5.46 16.21
N GLY B 259 11.67 -4.14 15.94
CA GLY B 259 11.70 -3.68 14.56
C GLY B 259 10.49 -2.88 14.06
N GLY B 260 9.38 -2.91 14.77
CA GLY B 260 8.17 -2.20 14.36
C GLY B 260 6.94 -3.08 14.40
N VAL B 261 5.78 -2.44 14.45
CA VAL B 261 4.51 -3.16 14.50
C VAL B 261 4.08 -3.89 13.25
N ASP B 262 3.20 -4.88 13.43
CA ASP B 262 2.68 -5.66 12.31
C ASP B 262 1.69 -4.90 11.43
N ARG B 263 0.89 -4.09 12.08
CA ARG B 263 -0.12 -3.29 11.45
C ARG B 263 -0.13 -1.97 12.15
N SER B 264 -0.48 -0.89 11.47
CA SER B 264 -0.70 0.33 12.21
C SER B 264 -1.99 0.83 11.55
N VAL B 265 -2.71 1.67 12.28
CA VAL B 265 -3.98 2.26 11.86
C VAL B 265 -3.98 3.67 12.28
N GLU B 266 -4.11 4.51 11.28
CA GLU B 266 -4.04 5.94 11.51
C GLU B 266 -5.39 6.57 11.63
N CYS B 267 -5.69 7.12 12.78
CA CYS B 267 -7.01 7.65 13.16
C CYS B 267 -7.10 9.14 13.53
N THR B 268 -5.99 9.89 13.49
CA THR B 268 -6.13 11.27 13.93
C THR B 268 -6.32 12.32 12.80
N GLY B 269 -5.74 12.05 11.63
CA GLY B 269 -5.76 13.03 10.52
C GLY B 269 -4.61 14.08 10.52
N SER B 270 -3.39 13.68 10.89
CA SER B 270 -2.19 14.50 10.81
C SER B 270 -1.24 13.79 9.88
N VAL B 271 -0.72 14.49 8.90
CA VAL B 271 0.13 13.86 7.93
C VAL B 271 1.40 13.35 8.54
N GLN B 272 2.02 14.11 9.42
CA GLN B 272 3.22 13.52 10.05
C GLN B 272 2.87 12.21 10.79
N ALA B 273 1.65 12.15 11.33
CA ALA B 273 1.22 10.94 12.04
C ALA B 273 1.04 9.80 11.11
N MET B 274 0.57 10.12 9.92
CA MET B 274 0.43 9.18 8.86
C MET B 274 1.82 8.68 8.49
N ILE B 275 2.76 9.66 8.39
CA ILE B 275 4.15 9.36 8.01
C ILE B 275 4.67 8.51 9.11
N GLN B 276 4.37 8.96 10.32
CA GLN B 276 4.78 8.20 11.47
C GLN B 276 4.07 6.84 11.51
N ALA B 277 2.79 6.79 11.20
CA ALA B 277 2.06 5.52 11.24
C ALA B 277 2.63 4.51 10.24
N PHE B 278 3.04 4.97 9.05
CA PHE B 278 3.68 4.08 8.06
C PHE B 278 5.05 3.62 8.47
N GLU B 279 5.87 4.50 8.99
CA GLU B 279 7.24 4.16 9.27
C GLU B 279 7.43 3.30 10.49
N CYS B 280 6.43 3.21 11.34
CA CYS B 280 6.53 2.42 12.55
C CYS B 280 6.20 0.91 12.30
N VAL B 281 5.76 0.50 11.11
CA VAL B 281 5.55 -0.94 10.88
C VAL B 281 6.83 -1.69 10.52
N HIS B 282 6.79 -3.01 10.74
CA HIS B 282 7.93 -3.88 10.58
C HIS B 282 8.13 -3.95 9.12
N ASP B 283 9.37 -4.09 8.72
CA ASP B 283 9.65 -4.32 7.32
C ASP B 283 9.13 -5.67 6.94
N GLY B 284 9.04 -5.89 5.62
CA GLY B 284 8.59 -7.17 5.13
C GLY B 284 7.10 -7.36 5.08
N TRP B 285 6.42 -7.07 6.17
CA TRP B 285 5.03 -7.37 6.25
C TRP B 285 4.16 -6.32 6.87
N GLY B 286 4.76 -5.20 7.23
CA GLY B 286 4.01 -4.15 7.88
C GLY B 286 3.01 -3.50 6.92
N VAL B 287 1.81 -3.24 7.41
CA VAL B 287 0.77 -2.58 6.65
C VAL B 287 0.17 -1.48 7.46
N ALA B 288 0.27 -0.27 6.93
CA ALA B 288 -0.29 0.92 7.59
C ALA B 288 -1.58 1.35 6.91
N VAL B 289 -2.55 1.79 7.69
CA VAL B 289 -3.85 2.16 7.14
C VAL B 289 -4.15 3.58 7.56
N LEU B 290 -4.44 4.46 6.63
CA LEU B 290 -4.80 5.82 6.98
C LEU B 290 -6.28 5.98 6.97
N VAL B 291 -6.85 6.60 7.99
CA VAL B 291 -8.28 6.76 7.99
C VAL B 291 -8.72 8.17 8.42
N GLY B 292 -7.93 8.82 9.27
CA GLY B 292 -8.20 10.20 9.61
C GLY B 292 -8.18 11.12 8.42
N VAL B 293 -9.14 12.04 8.28
CA VAL B 293 -9.13 12.87 7.08
C VAL B 293 -8.37 14.12 7.29
N PRO B 294 -7.35 14.22 6.43
CA PRO B 294 -6.38 15.28 6.60
C PRO B 294 -6.81 16.61 6.17
N SER B 295 -6.31 17.57 6.91
CA SER B 295 -6.55 18.92 6.56
C SER B 295 -5.41 19.55 5.78
N LYS B 296 -4.20 18.95 5.84
CA LYS B 296 -3.13 19.51 5.12
C LYS B 296 -2.91 18.68 3.93
N ASP B 297 -2.12 19.27 3.08
CA ASP B 297 -1.77 18.72 1.86
C ASP B 297 -0.37 18.17 1.93
N ASP B 298 0.14 18.17 3.15
CA ASP B 298 1.47 17.70 3.33
C ASP B 298 1.60 16.31 2.76
N ALA B 299 2.75 16.09 2.15
CA ALA B 299 2.98 14.86 1.47
C ALA B 299 3.35 13.75 2.36
N PHE B 300 2.88 12.61 1.99
CA PHE B 300 3.39 11.42 2.56
C PHE B 300 4.77 11.31 1.93
N LYS B 301 5.80 11.09 2.74
CA LYS B 301 7.20 11.04 2.35
C LYS B 301 7.81 9.86 2.93
N THR B 302 9.10 9.70 2.63
CA THR B 302 9.93 8.61 3.14
C THR B 302 10.75 7.97 2.10
N HIS B 303 11.85 7.40 2.56
CA HIS B 303 12.68 6.68 1.65
C HIS B 303 11.89 5.41 1.24
N PRO B 304 11.70 5.23 -0.06
CA PRO B 304 10.97 4.16 -0.74
C PRO B 304 11.44 2.75 -0.24
N MET B 305 12.70 2.64 0.19
CA MET B 305 13.29 1.37 0.67
C MET B 305 12.43 0.79 1.82
N ASN B 306 11.69 1.63 2.54
CA ASN B 306 10.75 1.09 3.53
C ASN B 306 9.68 0.24 2.91
N PHE B 307 9.35 0.61 1.67
CA PHE B 307 8.41 -0.14 0.91
C PHE B 307 9.10 -1.29 0.29
N LEU B 308 10.23 -1.02 -0.36
CA LEU B 308 10.94 -2.09 -1.05
C LEU B 308 11.32 -3.05 0.04
N ASN B 309 11.24 -2.62 1.29
CA ASN B 309 11.40 -3.61 2.33
C ASN B 309 10.11 -4.42 2.61
N GLU B 310 9.24 -4.36 1.63
CA GLU B 310 8.06 -5.18 1.42
C GLU B 310 7.14 -4.67 2.52
N ARG B 311 7.01 -3.38 2.73
CA ARG B 311 5.97 -2.93 3.63
C ARG B 311 4.80 -2.34 2.83
N THR B 312 3.58 -2.84 3.02
CA THR B 312 2.43 -2.35 2.25
C THR B 312 1.82 -1.12 2.93
N LEU B 313 1.01 -0.35 2.23
CA LEU B 313 0.34 0.81 2.80
C LEU B 313 -1.04 0.98 2.11
N LYS B 314 -2.11 0.90 2.90
CA LYS B 314 -3.47 0.91 2.35
C LYS B 314 -4.20 2.04 2.95
N GLY B 315 -4.96 2.74 2.16
CA GLY B 315 -5.83 3.77 2.70
C GLY B 315 -7.30 3.35 2.70
N THR B 316 -8.06 3.81 3.70
CA THR B 316 -9.49 3.51 3.80
C THR B 316 -10.41 4.57 4.20
N PHE B 317 -11.65 4.33 3.85
CA PHE B 317 -12.71 5.25 4.11
C PHE B 317 -13.95 4.52 4.67
N PHE B 318 -14.45 4.91 5.84
CA PHE B 318 -15.58 4.23 6.53
C PHE B 318 -15.39 2.71 6.75
N GLY B 319 -14.16 2.34 7.04
CA GLY B 319 -13.80 0.98 7.38
C GLY B 319 -14.04 0.00 6.25
N ASN B 320 -14.21 0.54 5.05
CA ASN B 320 -14.49 -0.30 3.92
C ASN B 320 -15.75 -1.18 4.03
N TYR B 321 -16.66 -0.81 4.91
CA TYR B 321 -17.96 -1.46 5.03
C TYR B 321 -18.83 -1.00 3.96
N LYS B 322 -19.57 -1.94 3.39
CA LYS B 322 -20.57 -1.52 2.47
C LYS B 322 -21.82 -1.15 3.26
N PRO B 323 -22.24 0.11 3.20
CA PRO B 323 -23.32 0.68 4.01
C PRO B 323 -24.69 -0.06 4.04
N LYS B 324 -25.29 -0.41 2.93
CA LYS B 324 -26.62 -1.02 2.94
C LYS B 324 -26.43 -2.49 3.24
N THR B 325 -25.35 -3.05 2.73
CA THR B 325 -25.05 -4.46 2.93
C THR B 325 -24.51 -4.96 4.22
N ASP B 326 -23.52 -4.27 4.78
CA ASP B 326 -22.85 -4.85 5.92
C ASP B 326 -23.34 -4.33 7.23
N ILE B 327 -23.66 -3.04 7.19
CA ILE B 327 -23.93 -2.32 8.41
C ILE B 327 -25.12 -2.85 9.17
N PRO B 328 -26.17 -3.24 8.48
CA PRO B 328 -27.21 -3.88 9.27
C PRO B 328 -26.71 -5.11 10.02
N GLY B 329 -25.79 -5.82 9.39
CA GLY B 329 -25.17 -6.97 10.01
C GLY B 329 -24.33 -6.66 11.21
N VAL B 330 -23.64 -5.51 11.20
CA VAL B 330 -22.79 -5.13 12.31
C VAL B 330 -23.59 -4.81 13.59
N VAL B 331 -24.75 -4.20 13.38
CA VAL B 331 -25.67 -3.87 14.44
C VAL B 331 -26.14 -5.12 15.13
N GLU B 332 -26.32 -6.16 14.35
CA GLU B 332 -26.72 -7.44 14.89
C GLU B 332 -25.60 -7.91 15.80
N LYS B 333 -24.37 -7.68 15.39
CA LYS B 333 -23.21 -8.02 16.20
C LYS B 333 -23.28 -7.46 17.61
N TYR B 334 -23.96 -6.32 17.84
CA TYR B 334 -24.05 -5.76 19.21
C TYR B 334 -25.11 -6.51 20.01
N MET B 335 -26.23 -6.84 19.40
CA MET B 335 -27.24 -7.62 20.08
C MET B 335 -26.49 -8.84 20.54
N ASN B 336 -25.59 -9.32 19.67
CA ASN B 336 -24.84 -10.54 19.97
C ASN B 336 -23.55 -10.45 20.89
N LYS B 337 -23.29 -9.32 21.56
CA LYS B 337 -22.26 -9.23 22.61
C LYS B 337 -20.82 -9.42 22.12
N GLU B 338 -20.60 -9.25 20.81
CA GLU B 338 -19.25 -9.20 20.23
C GLU B 338 -18.74 -7.81 20.50
N LEU B 339 -19.65 -6.89 20.30
CA LEU B 339 -19.45 -5.46 20.41
C LEU B 339 -20.08 -4.91 21.73
N GLU B 340 -19.33 -4.11 22.48
CA GLU B 340 -19.85 -3.58 23.73
C GLU B 340 -20.00 -2.06 23.42
N LEU B 341 -21.20 -1.50 23.27
CA LEU B 341 -21.20 -0.11 22.80
C LEU B 341 -21.31 0.92 23.85
N GLU B 342 -21.91 0.56 24.96
CA GLU B 342 -22.21 1.53 25.96
C GLU B 342 -20.95 2.21 26.34
N LYS B 343 -19.86 1.48 26.31
CA LYS B 343 -18.65 2.14 26.74
C LYS B 343 -18.09 3.29 25.89
N PHE B 344 -18.57 3.42 24.65
CA PHE B 344 -18.11 4.49 23.74
C PHE B 344 -18.78 5.81 24.07
N ILE B 345 -19.88 5.69 24.78
CA ILE B 345 -20.73 6.79 25.14
C ILE B 345 -20.42 7.35 26.51
N THR B 346 -19.82 8.54 26.55
CA THR B 346 -19.37 9.16 27.81
C THR B 346 -20.19 10.36 28.28
N HIS B 347 -21.00 10.93 27.42
CA HIS B 347 -21.73 12.11 27.80
C HIS B 347 -23.07 11.98 27.09
N THR B 348 -24.05 12.71 27.58
CA THR B 348 -25.33 12.81 26.95
C THR B 348 -25.83 14.19 27.25
N VAL B 349 -26.42 14.76 26.20
CA VAL B 349 -27.03 16.05 26.28
C VAL B 349 -28.31 16.00 25.49
N PRO B 350 -29.27 16.89 25.81
CA PRO B 350 -30.49 17.10 25.03
C PRO B 350 -30.20 17.90 23.77
N PHE B 351 -31.03 17.73 22.77
CA PHE B 351 -30.85 18.47 21.55
C PHE B 351 -30.74 19.95 21.80
N SER B 352 -31.45 20.43 22.79
CA SER B 352 -31.44 21.82 23.11
C SER B 352 -30.08 22.29 23.61
N GLU B 353 -29.27 21.32 24.01
CA GLU B 353 -27.95 21.61 24.50
C GLU B 353 -26.87 21.02 23.65
N ILE B 354 -27.12 20.98 22.36
CA ILE B 354 -26.21 20.38 21.45
C ILE B 354 -24.81 21.01 21.54
N ASN B 355 -24.77 22.31 21.77
CA ASN B 355 -23.47 22.98 21.87
C ASN B 355 -22.58 22.42 22.96
N LYS B 356 -23.13 21.76 23.95
CA LYS B 356 -22.30 21.12 24.94
C LYS B 356 -21.41 20.04 24.25
N ALA B 357 -21.94 19.35 23.23
CA ALA B 357 -21.15 18.32 22.52
C ALA B 357 -19.90 18.85 21.80
N PHE B 358 -19.98 20.04 21.23
CA PHE B 358 -18.82 20.64 20.59
C PHE B 358 -17.79 20.95 21.68
N ASP B 359 -18.26 21.53 22.80
CA ASP B 359 -17.41 21.86 23.95
C ASP B 359 -16.65 20.62 24.45
N TYR B 360 -17.34 19.51 24.68
CA TYR B 360 -16.70 18.28 25.17
C TYR B 360 -15.62 17.63 24.31
N MET B 361 -15.83 17.65 23.00
CA MET B 361 -14.90 17.01 22.08
C MET B 361 -13.70 17.92 22.00
N LEU B 362 -13.98 19.21 21.97
CA LEU B 362 -12.93 20.19 21.87
C LEU B 362 -12.17 20.19 23.22
N LYS B 363 -12.74 19.74 24.34
CA LYS B 363 -11.92 19.70 25.55
C LYS B 363 -11.24 18.29 25.69
N GLY B 364 -11.45 17.41 24.72
CA GLY B 364 -10.91 16.05 24.82
C GLY B 364 -11.50 15.26 25.98
N GLU B 365 -12.72 15.64 26.40
CA GLU B 365 -13.36 15.00 27.54
C GLU B 365 -14.25 13.82 27.16
N SER B 366 -14.72 13.74 25.92
CA SER B 366 -15.73 12.74 25.53
C SER B 366 -15.15 11.79 24.52
N ILE B 367 -15.75 10.62 24.37
CA ILE B 367 -15.47 9.81 23.22
C ILE B 367 -16.66 10.14 22.26
N ARG B 368 -17.86 9.67 22.61
CA ARG B 368 -19.09 10.07 21.95
C ARG B 368 -20.09 10.58 22.97
N CYS B 369 -20.73 11.68 22.58
CA CYS B 369 -21.83 12.32 23.30
C CYS B 369 -23.10 12.17 22.54
N ILE B 370 -24.09 11.53 23.14
CA ILE B 370 -25.37 11.36 22.48
C ILE B 370 -26.29 12.56 22.69
N ILE B 371 -26.83 13.04 21.56
CA ILE B 371 -27.78 14.13 21.51
C ILE B 371 -29.17 13.53 21.27
N THR B 372 -30.11 13.95 22.11
CA THR B 372 -31.48 13.42 22.24
C THR B 372 -32.49 14.43 21.77
N MET B 373 -33.26 14.06 20.77
CA MET B 373 -34.19 15.00 20.19
C MET B 373 -35.39 15.14 21.09
N GLY B 374 -36.07 16.27 21.12
CA GLY B 374 -37.32 16.37 21.88
C GLY B 374 -37.08 16.85 23.31
N ALA B 375 -35.83 17.25 23.55
CA ALA B 375 -35.35 17.78 24.81
C ALA B 375 -34.30 18.85 24.58
#